data_6L86
#
_entry.id   6L86
#
_cell.length_a   150.173
_cell.length_b   150.173
_cell.length_c   387.859
_cell.angle_alpha   90.000
_cell.angle_beta   90.000
_cell.angle_gamma   120.000
#
_symmetry.space_group_name_H-M   'H 3 2'
#
loop_
_entity.id
_entity.type
_entity.pdbx_description
1 polymer 'Taurine catabolism dioxygenase'
2 non-polymer 'FE (II) ION'
3 non-polymer '(2S)-2-hydroxybutanedioic acid'
4 non-polymer D-MALATE
5 water water
#
_entity_poly.entity_id   1
_entity_poly.type   'polypeptide(L)'
_entity_poly.pdbx_seq_one_letter_code
;MGSSHHHHHHSSGLVPRGSHMEIKAQSGSSFGASVEGFDHTTATAEDIKAIKETIYTKKIAVLKGQDLTPAQYLELGKMF
GRPVVYYEPMYKHPEFEEIFVSSNVPKDGKQIGVPKTGKFWHADYQFMPDPFGLTLIYPQVIPQKNRGTYYIDMGKAYER
LPQELKDEVAGLYGVHSVRKYFKIRPHDVYRPISEILTEIEEHTPPVRQPLTFKHPLTGETVLYISEGFTVGLEDADGKP
VESDLLQRLFEATGQLDDTFTHENIHLFHPEQGDLLIWDNRSLIHRALHTTTPEPVVSFRVTVHDEHKLYDGMPA
;
_entity_poly.pdbx_strand_id   A,B,C,D
#
loop_
_chem_comp.id
_chem_comp.type
_chem_comp.name
_chem_comp.formula
FE2 non-polymer 'FE (II) ION' 'Fe 2'
LMR non-polymer '(2S)-2-hydroxybutanedioic acid' 'C4 H6 O5'
MLT non-polymer D-MALATE 'C4 H6 O5'
#
# COMPACT_ATOMS: atom_id res chain seq x y z
N MET A 21 6.71 3.88 42.13
CA MET A 21 5.97 5.04 41.63
C MET A 21 4.86 5.42 42.59
N GLU A 22 4.81 6.69 42.99
CA GLU A 22 3.84 7.19 43.94
C GLU A 22 3.07 8.35 43.33
N ILE A 23 1.75 8.24 43.28
CA ILE A 23 0.88 9.31 42.82
C ILE A 23 0.45 10.13 44.04
N LYS A 24 0.70 11.43 44.00
CA LYS A 24 0.35 12.33 45.09
C LYS A 24 -0.59 13.42 44.56
N ALA A 25 -1.59 13.76 45.35
CA ALA A 25 -2.53 14.79 44.97
C ALA A 25 -1.93 16.18 45.20
N GLN A 26 -2.53 17.17 44.56
CA GLN A 26 -2.06 18.55 44.69
C GLN A 26 -2.56 19.16 45.98
N SER A 27 -1.77 20.13 46.48
CA SER A 27 -2.07 20.74 47.78
C SER A 27 -3.25 21.70 47.65
N GLY A 28 -4.30 21.44 48.42
CA GLY A 28 -5.43 22.36 48.48
C GLY A 28 -6.22 22.48 47.19
N SER A 29 -6.40 21.38 46.47
CA SER A 29 -7.17 21.36 45.24
C SER A 29 -7.42 19.92 44.82
N SER A 30 -8.59 19.68 44.23
CA SER A 30 -8.92 18.41 43.59
C SER A 30 -8.56 18.38 42.12
N PHE A 31 -7.77 19.36 41.66
CA PHE A 31 -7.35 19.46 40.27
C PHE A 31 -5.86 19.15 40.17
N GLY A 32 -5.52 18.08 39.48
CA GLY A 32 -4.13 17.77 39.22
C GLY A 32 -3.52 16.82 40.24
N ALA A 33 -2.46 16.14 39.81
CA ALA A 33 -1.73 15.24 40.67
C ALA A 33 -0.30 15.14 40.17
N SER A 34 0.62 14.81 41.06
CA SER A 34 2.00 14.54 40.72
C SER A 34 2.26 13.05 40.68
N VAL A 35 3.23 12.64 39.86
CA VAL A 35 3.64 11.25 39.76
C VAL A 35 5.16 11.22 39.95
N GLU A 36 5.60 10.72 41.09
CA GLU A 36 7.02 10.64 41.41
C GLU A 36 7.53 9.22 41.21
N GLY A 37 8.81 9.11 40.87
CA GLY A 37 9.43 7.82 40.67
C GLY A 37 8.92 7.03 39.49
N PHE A 38 8.56 7.71 38.40
CA PHE A 38 8.05 7.04 37.21
C PHE A 38 9.20 6.87 36.21
N ASP A 39 9.43 5.62 35.80
CA ASP A 39 10.40 5.28 34.77
C ASP A 39 9.65 4.45 33.72
N HIS A 40 9.44 5.02 32.54
CA HIS A 40 8.63 4.35 31.54
C HIS A 40 9.24 3.04 31.06
N THR A 41 10.56 2.89 31.19
CA THR A 41 11.21 1.64 30.79
C THR A 41 10.96 0.52 31.78
N THR A 42 10.54 0.84 33.01
CA THR A 42 10.29 -0.15 34.03
C THR A 42 8.85 -0.14 34.53
N ALA A 43 8.01 0.77 34.04
CA ALA A 43 6.65 0.89 34.57
C ALA A 43 5.81 -0.31 34.18
N THR A 44 5.12 -0.89 35.16
CA THR A 44 4.23 -2.01 34.89
C THR A 44 2.99 -1.55 34.15
N ALA A 45 2.27 -2.52 33.57
CA ALA A 45 0.97 -2.21 33.00
C ALA A 45 0.00 -1.73 34.06
N GLU A 46 0.15 -2.21 35.29
CA GLU A 46 -0.63 -1.69 36.40
C GLU A 46 -0.29 -0.24 36.71
N ASP A 47 0.98 0.14 36.53
CA ASP A 47 1.37 1.53 36.73
C ASP A 47 0.68 2.45 35.72
N ILE A 48 0.63 2.03 34.46
CA ILE A 48 0.05 2.85 33.42
C ILE A 48 -1.44 3.06 33.65
N LYS A 49 -2.16 2.01 34.03
CA LYS A 49 -3.59 2.14 34.28
C LYS A 49 -3.87 2.97 35.52
N ALA A 50 -2.99 2.93 36.51
CA ALA A 50 -3.16 3.78 37.69
C ALA A 50 -2.96 5.26 37.35
N ILE A 51 -2.03 5.56 36.43
CA ILE A 51 -1.85 6.93 35.98
C ILE A 51 -3.01 7.35 35.08
N LYS A 52 -3.49 6.45 34.23
CA LYS A 52 -4.64 6.74 33.38
C LYS A 52 -5.85 7.14 34.22
N GLU A 53 -6.17 6.36 35.25
CA GLU A 53 -7.31 6.67 36.10
C GLU A 53 -7.13 8.00 36.80
N THR A 54 -5.88 8.32 37.19
CA THR A 54 -5.62 9.64 37.75
C THR A 54 -5.89 10.74 36.74
N ILE A 55 -5.50 10.53 35.48
CA ILE A 55 -5.69 11.54 34.46
C ILE A 55 -7.18 11.82 34.24
N TYR A 56 -7.99 10.76 34.19
CA TYR A 56 -9.40 10.97 33.87
C TYR A 56 -10.19 11.59 35.03
N THR A 57 -9.72 11.45 36.27
CA THR A 57 -10.41 12.03 37.41
C THR A 57 -9.75 13.29 37.95
N LYS A 58 -8.42 13.33 38.02
CA LYS A 58 -7.71 14.54 38.43
C LYS A 58 -7.47 15.50 37.27
N LYS A 59 -7.72 15.07 36.03
CA LYS A 59 -7.69 15.88 34.82
C LYS A 59 -6.29 16.14 34.29
N ILE A 60 -5.28 16.17 35.16
CA ILE A 60 -3.90 16.34 34.70
C ILE A 60 -2.96 15.64 35.66
N ALA A 61 -2.01 14.88 35.12
CA ALA A 61 -0.97 14.22 35.90
C ALA A 61 0.39 14.72 35.43
N VAL A 62 1.21 15.17 36.37
CA VAL A 62 2.52 15.73 36.09
C VAL A 62 3.58 14.72 36.51
N LEU A 63 4.25 14.12 35.53
CA LEU A 63 5.35 13.20 35.83
C LEU A 63 6.60 14.00 36.14
N LYS A 64 7.26 13.67 37.24
CA LYS A 64 8.42 14.40 37.73
C LYS A 64 9.71 13.73 37.28
N GLY A 65 10.77 14.54 37.18
CA GLY A 65 12.10 14.02 36.88
C GLY A 65 12.22 13.27 35.58
N GLN A 66 11.54 13.72 34.54
CA GLN A 66 11.61 13.08 33.23
C GLN A 66 12.71 13.73 32.40
N ASP A 67 13.70 12.93 32.01
CA ASP A 67 14.84 13.39 31.20
C ASP A 67 14.96 12.45 30.02
N LEU A 68 14.21 12.74 28.95
CA LEU A 68 14.04 11.82 27.84
C LEU A 68 14.48 12.46 26.54
N THR A 69 15.14 11.67 25.70
CA THR A 69 15.36 12.05 24.31
C THR A 69 14.01 12.08 23.59
N PRO A 70 13.96 12.71 22.41
CA PRO A 70 12.69 12.67 21.63
C PRO A 70 12.18 11.27 21.38
N ALA A 71 13.07 10.33 21.04
CA ALA A 71 12.64 8.95 20.80
C ALA A 71 12.02 8.34 22.05
N GLN A 72 12.63 8.57 23.22
CA GLN A 72 12.10 8.01 24.46
C GLN A 72 10.82 8.70 24.88
N TYR A 73 10.69 10.00 24.60
CA TYR A 73 9.44 10.70 24.85
C TYR A 73 8.31 10.09 24.05
N LEU A 74 8.55 9.82 22.75
CA LEU A 74 7.53 9.20 21.92
C LEU A 74 7.16 7.82 22.43
N GLU A 75 8.15 7.07 22.91
CA GLU A 75 7.86 5.74 23.45
C GLU A 75 7.05 5.82 24.72
N LEU A 76 7.32 6.80 25.58
CA LEU A 76 6.47 7.03 26.75
C LEU A 76 5.05 7.34 26.32
N GLY A 77 4.90 8.17 25.28
CA GLY A 77 3.56 8.48 24.81
C GLY A 77 2.84 7.28 24.24
N LYS A 78 3.57 6.42 23.51
CA LYS A 78 2.96 5.23 22.93
C LYS A 78 2.43 4.26 23.98
N MET A 79 2.91 4.36 25.23
CA MET A 79 2.37 3.52 26.30
C MET A 79 1.00 3.98 26.77
N PHE A 80 0.55 5.17 26.36
CA PHE A 80 -0.75 5.69 26.75
C PHE A 80 -1.77 5.71 25.63
N GLY A 81 -1.38 5.39 24.40
CA GLY A 81 -2.33 5.35 23.31
C GLY A 81 -1.60 5.40 21.97
N ARG A 82 -2.40 5.57 20.91
CA ARG A 82 -1.88 5.62 19.56
C ARG A 82 -1.64 7.07 19.15
N PRO A 83 -0.41 7.45 18.82
CA PRO A 83 -0.13 8.85 18.52
C PRO A 83 -0.85 9.34 17.27
N VAL A 84 -1.20 10.62 17.28
CA VAL A 84 -1.78 11.32 16.14
C VAL A 84 -0.79 12.41 15.72
N VAL A 85 -0.42 12.40 14.44
CA VAL A 85 0.47 13.42 13.90
C VAL A 85 -0.35 14.67 13.59
N TYR A 86 0.11 15.83 14.05
CA TYR A 86 -0.57 17.08 13.75
C TYR A 86 -0.65 17.27 12.24
N TYR A 87 -1.80 17.79 11.79
CA TYR A 87 -2.10 17.81 10.36
C TYR A 87 -1.18 18.75 9.57
N GLU A 88 -0.66 19.79 10.22
CA GLU A 88 0.16 20.77 9.53
C GLU A 88 1.64 20.46 9.77
N PRO A 89 2.42 20.18 8.72
CA PRO A 89 3.82 19.74 8.94
C PRO A 89 4.74 20.82 9.48
N MET A 90 4.35 22.10 9.40
CA MET A 90 5.19 23.17 9.92
C MET A 90 5.50 22.98 11.41
N TYR A 91 4.64 22.27 12.13
CA TYR A 91 4.82 22.07 13.56
C TYR A 91 5.69 20.86 13.90
N LYS A 92 6.07 20.05 12.91
CA LYS A 92 6.67 18.75 13.15
C LYS A 92 8.10 18.86 13.69
N HIS A 93 8.43 17.97 14.62
CA HIS A 93 9.83 17.73 14.95
C HIS A 93 10.53 17.10 13.74
N PRO A 94 11.75 17.53 13.43
CA PRO A 94 12.39 17.07 12.19
C PRO A 94 12.71 15.58 12.17
N GLU A 95 12.87 14.94 13.33
CA GLU A 95 13.23 13.52 13.38
C GLU A 95 12.09 12.61 13.78
N PHE A 96 11.08 13.12 14.48
CA PHE A 96 9.91 12.32 14.86
C PHE A 96 8.66 13.16 14.61
N GLU A 97 7.97 12.88 13.51
CA GLU A 97 6.84 13.71 13.11
C GLU A 97 5.72 13.68 14.13
N GLU A 98 5.68 12.66 14.99
CA GLU A 98 4.65 12.60 16.02
C GLU A 98 4.81 13.69 17.07
N ILE A 99 5.97 14.33 17.15
CA ILE A 99 6.24 15.35 18.14
C ILE A 99 5.89 16.72 17.55
N PHE A 100 4.98 17.42 18.22
CA PHE A 100 4.58 18.78 17.90
C PHE A 100 5.47 19.74 18.67
N VAL A 101 6.04 20.73 17.98
CA VAL A 101 7.07 21.58 18.57
C VAL A 101 6.55 23.01 18.67
N SER A 102 6.52 23.54 19.88
CA SER A 102 6.30 24.96 20.13
C SER A 102 7.65 25.54 20.55
N SER A 103 8.20 26.41 19.72
CA SER A 103 9.54 26.92 19.97
C SER A 103 9.71 28.27 19.31
N ASN A 104 10.41 29.18 19.99
CA ASN A 104 10.83 30.45 19.42
C ASN A 104 12.35 30.55 19.33
N VAL A 105 13.03 29.42 19.26
CA VAL A 105 14.48 29.33 19.24
C VAL A 105 14.91 28.98 17.82
N PRO A 106 15.51 29.91 17.06
CA PRO A 106 15.90 29.67 15.67
C PRO A 106 17.20 28.88 15.55
N GLY A 109 19.27 30.23 12.54
CA GLY A 109 18.61 31.36 11.94
C GLY A 109 17.24 31.01 11.39
N LYS A 110 16.95 29.71 11.28
CA LYS A 110 15.68 29.22 10.78
C LYS A 110 14.89 28.61 11.94
N GLN A 111 13.58 28.82 11.91
CA GLN A 111 12.70 28.45 13.02
C GLN A 111 12.30 26.99 12.93
N ILE A 112 12.50 26.25 14.02
CA ILE A 112 12.01 24.87 14.15
C ILE A 112 10.71 24.91 14.94
N GLY A 113 9.70 24.19 14.46
CA GLY A 113 8.41 24.29 15.14
C GLY A 113 7.73 25.63 14.88
N VAL A 114 6.86 26.02 15.80
CA VAL A 114 6.08 27.25 15.65
C VAL A 114 6.13 28.03 16.97
N PRO A 115 6.35 29.35 16.93
CA PRO A 115 6.55 30.09 18.18
C PRO A 115 5.26 30.27 18.97
N LYS A 116 5.32 29.93 20.25
CA LYS A 116 4.30 30.24 21.25
C LYS A 116 2.89 29.87 20.77
N THR A 117 2.70 28.57 20.61
CA THR A 117 1.42 28.03 20.15
C THR A 117 0.39 28.04 21.28
N GLY A 118 -0.88 28.11 20.90
CA GLY A 118 -1.97 27.91 21.84
C GLY A 118 -2.29 29.08 22.75
N LYS A 119 -2.02 30.31 22.32
CA LYS A 119 -2.33 31.50 23.13
C LYS A 119 -3.79 31.90 22.98
N PHE A 120 -4.67 30.95 23.28
CA PHE A 120 -6.11 31.10 23.17
C PHE A 120 -6.75 29.87 23.78
N TRP A 121 -7.98 30.04 24.28
CA TRP A 121 -8.71 28.92 24.87
C TRP A 121 -9.05 27.90 23.80
N HIS A 122 -8.72 26.63 24.05
CA HIS A 122 -9.04 25.60 23.08
C HIS A 122 -8.87 24.23 23.71
N ALA A 123 -9.54 23.25 23.11
CA ALA A 123 -9.20 21.84 23.28
C ALA A 123 -8.50 21.37 22.02
N ASP A 124 -7.56 20.45 22.19
CA ASP A 124 -6.71 20.05 21.06
C ASP A 124 -7.50 19.22 20.06
N TYR A 125 -7.30 19.53 18.77
CA TYR A 125 -8.00 18.91 17.64
C TYR A 125 -9.51 19.04 17.74
N GLN A 126 -9.99 20.03 18.49
CA GLN A 126 -11.43 20.29 18.56
C GLN A 126 -11.99 20.65 17.19
N PHE A 127 -11.15 21.20 16.31
CA PHE A 127 -11.56 21.57 14.97
C PHE A 127 -11.44 20.42 13.97
N MET A 128 -11.10 19.21 14.44
CA MET A 128 -10.92 18.05 13.59
C MET A 128 -12.03 17.03 13.84
N PRO A 129 -12.34 16.19 12.85
CA PRO A 129 -13.50 15.29 13.00
C PRO A 129 -13.34 14.25 14.08
N ASP A 130 -12.11 13.85 14.43
CA ASP A 130 -11.87 12.75 15.38
C ASP A 130 -10.87 13.19 16.43
N PRO A 131 -11.30 13.96 17.42
CA PRO A 131 -10.36 14.43 18.45
C PRO A 131 -9.90 13.28 19.35
N PHE A 132 -8.65 13.41 19.82
CA PHE A 132 -8.02 12.40 20.67
C PHE A 132 -8.26 12.71 22.14
N GLY A 133 -8.02 11.69 22.97
CA GLY A 133 -8.37 11.78 24.38
C GLY A 133 -7.30 12.30 25.31
N LEU A 134 -6.03 12.19 24.93
CA LEU A 134 -4.93 12.53 25.82
C LEU A 134 -3.93 13.44 25.12
N THR A 135 -3.51 14.49 25.83
CA THR A 135 -2.48 15.42 25.36
C THR A 135 -1.29 15.33 26.31
N LEU A 136 -0.09 15.18 25.73
CA LEU A 136 1.15 15.17 26.49
C LEU A 136 1.97 16.40 26.14
N ILE A 137 2.46 17.10 27.16
CA ILE A 137 3.31 18.27 26.99
C ILE A 137 4.59 18.06 27.78
N TYR A 138 5.73 18.24 27.11
CA TYR A 138 7.05 18.00 27.70
C TYR A 138 7.89 19.25 27.52
N PRO A 139 7.90 20.15 28.50
CA PRO A 139 8.69 21.39 28.36
C PRO A 139 10.18 21.09 28.26
N GLN A 140 10.84 21.80 27.34
CA GLN A 140 12.27 21.69 27.13
C GLN A 140 13.05 22.90 27.63
N VAL A 141 12.52 24.11 27.42
CA VAL A 141 13.13 25.35 27.88
C VAL A 141 12.00 26.20 28.48
N ILE A 142 12.17 26.60 29.72
CA ILE A 142 11.11 27.24 30.49
C ILE A 142 11.60 28.60 30.98
N PRO A 143 11.00 29.71 30.55
CA PRO A 143 11.30 30.99 31.19
C PRO A 143 10.87 30.97 32.65
N GLN A 144 11.61 31.71 33.48
CA GLN A 144 11.40 31.67 34.91
C GLN A 144 10.09 32.34 35.31
N LYS A 145 9.70 33.40 34.61
CA LYS A 145 8.51 34.18 34.95
C LYS A 145 7.55 34.24 33.78
N ASN A 146 6.27 34.36 34.11
CA ASN A 146 5.20 34.63 33.14
C ASN A 146 5.05 33.51 32.12
N ARG A 147 5.31 32.27 32.52
CA ARG A 147 5.19 31.11 31.65
C ARG A 147 4.36 30.05 32.35
N GLY A 148 3.35 29.53 31.65
CA GLY A 148 2.50 28.51 32.21
C GLY A 148 1.37 28.15 31.29
N THR A 149 0.36 27.46 31.84
CA THR A 149 -0.81 27.05 31.09
C THR A 149 -2.05 27.26 31.96
N TYR A 150 -3.08 27.87 31.39
CA TYR A 150 -4.38 27.99 32.04
C TYR A 150 -5.24 26.77 31.68
N TYR A 151 -6.10 26.37 32.61
CA TYR A 151 -6.97 25.23 32.40
C TYR A 151 -8.37 25.53 32.92
N ILE A 152 -9.36 24.96 32.24
CA ILE A 152 -10.74 24.98 32.72
C ILE A 152 -11.33 23.60 32.49
N ASP A 153 -11.85 22.99 33.55
CA ASP A 153 -12.58 21.73 33.45
C ASP A 153 -13.98 22.03 32.92
N MET A 154 -14.24 21.72 31.66
CA MET A 154 -15.54 22.00 31.07
C MET A 154 -16.62 21.02 31.52
N GLY A 155 -16.26 19.98 32.27
CA GLY A 155 -17.24 19.15 32.91
C GLY A 155 -17.77 19.81 34.17
N LYS A 156 -16.84 20.31 35.00
CA LYS A 156 -17.24 21.10 36.16
C LYS A 156 -17.87 22.42 35.75
N ALA A 157 -17.42 22.99 34.63
CA ALA A 157 -18.03 24.23 34.15
C ALA A 157 -19.48 24.03 33.74
N TYR A 158 -19.82 22.86 33.20
CA TYR A 158 -21.21 22.57 32.87
C TYR A 158 -22.06 22.45 34.14
N GLU A 159 -21.55 21.73 35.15
CA GLU A 159 -22.31 21.55 36.38
C GLU A 159 -22.58 22.88 37.08
N ARG A 160 -21.66 23.83 36.98
CA ARG A 160 -21.82 25.13 37.62
C ARG A 160 -22.68 26.09 36.80
N LEU A 161 -23.17 25.66 35.64
CA LEU A 161 -24.06 26.51 34.86
C LEU A 161 -25.43 26.59 35.53
N PRO A 162 -26.11 27.73 35.40
CA PRO A 162 -27.51 27.79 35.85
C PRO A 162 -28.38 26.84 35.04
N GLN A 163 -29.49 26.43 35.66
CA GLN A 163 -30.39 25.49 35.00
C GLN A 163 -30.95 26.06 33.70
N GLU A 164 -31.03 27.38 33.58
CA GLU A 164 -31.44 28.00 32.33
C GLU A 164 -30.50 27.61 31.20
N LEU A 165 -29.19 27.81 31.41
CA LEU A 165 -28.21 27.44 30.39
C LEU A 165 -28.13 25.94 30.20
N LYS A 166 -28.30 25.17 31.29
CA LYS A 166 -28.29 23.71 31.17
C LYS A 166 -29.37 23.23 30.21
N ASP A 167 -30.57 23.78 30.31
CA ASP A 167 -31.66 23.37 29.44
C ASP A 167 -31.49 23.92 28.02
N GLU A 168 -30.84 25.09 27.89
CA GLU A 168 -30.66 25.68 26.57
C GLU A 168 -29.69 24.87 25.71
N VAL A 169 -28.62 24.34 26.32
CA VAL A 169 -27.62 23.61 25.56
C VAL A 169 -28.06 22.20 25.17
N ALA A 170 -29.18 21.71 25.72
CA ALA A 170 -29.60 20.35 25.46
C ALA A 170 -30.01 20.18 24.00
N GLY A 171 -29.58 19.07 23.41
CA GLY A 171 -29.91 18.74 22.03
C GLY A 171 -29.19 19.53 20.97
N LEU A 172 -28.38 20.52 21.35
CA LEU A 172 -27.70 21.37 20.39
C LEU A 172 -26.37 20.76 19.95
N TYR A 173 -25.74 21.39 18.97
CA TYR A 173 -24.47 20.95 18.43
C TYR A 173 -23.51 22.13 18.34
N GLY A 174 -22.24 21.88 18.68
CA GLY A 174 -21.20 22.88 18.51
C GLY A 174 -20.54 22.75 17.15
N VAL A 175 -20.20 23.89 16.56
CA VAL A 175 -19.49 23.95 15.28
C VAL A 175 -18.11 24.52 15.54
N HIS A 176 -17.08 23.77 15.17
CA HIS A 176 -15.70 24.08 15.51
C HIS A 176 -14.85 24.21 14.25
N SER A 177 -13.99 25.23 14.24
CA SER A 177 -13.17 25.52 13.07
C SER A 177 -11.84 26.10 13.51
N VAL A 178 -10.80 25.87 12.69
CA VAL A 178 -9.47 26.41 12.94
C VAL A 178 -9.27 27.77 12.27
N ARG A 179 -10.27 28.29 11.57
CA ARG A 179 -10.08 29.47 10.73
C ARG A 179 -9.78 30.74 11.51
N LYS A 180 -9.94 30.75 12.83
CA LYS A 180 -9.61 31.95 13.59
C LYS A 180 -8.12 32.02 13.92
N TYR A 181 -7.53 30.89 14.31
CA TYR A 181 -6.16 30.86 14.81
C TYR A 181 -5.23 30.02 13.93
N PHE A 182 -5.66 29.71 12.70
CA PHE A 182 -4.74 29.18 11.71
C PHE A 182 -3.55 30.12 11.57
N LYS A 183 -2.35 29.56 11.62
CA LYS A 183 -1.13 30.36 11.63
C LYS A 183 -0.56 30.49 10.23
N ILE A 184 -0.21 31.72 9.84
CA ILE A 184 0.43 31.95 8.55
C ILE A 184 1.76 31.22 8.50
N ARG A 185 1.99 30.50 7.42
CA ARG A 185 3.19 29.70 7.22
C ARG A 185 4.19 30.44 6.35
N PRO A 186 5.46 30.03 6.37
CA PRO A 186 6.46 30.68 5.50
C PRO A 186 6.09 30.69 4.03
N HIS A 187 5.55 29.59 3.50
CA HIS A 187 5.20 29.54 2.08
C HIS A 187 3.89 30.25 1.76
N ASP A 188 3.22 30.83 2.75
CA ASP A 188 2.03 31.63 2.50
C ASP A 188 2.37 33.05 2.06
N VAL A 189 3.62 33.48 2.20
CA VAL A 189 3.98 34.85 1.86
C VAL A 189 3.68 35.12 0.40
N TYR A 190 3.11 36.29 0.13
CA TYR A 190 2.70 36.82 -1.17
C TYR A 190 1.43 36.16 -1.69
N ARG A 191 0.83 35.20 -0.95
CA ARG A 191 -0.44 34.64 -1.37
C ARG A 191 -1.58 35.60 -1.05
N PRO A 192 -2.62 35.67 -1.88
CA PRO A 192 -3.81 36.43 -1.50
C PRO A 192 -4.57 35.73 -0.38
N ILE A 193 -4.97 36.50 0.63
CA ILE A 193 -5.49 35.90 1.85
C ILE A 193 -6.77 35.12 1.61
N SER A 194 -7.55 35.47 0.57
CA SER A 194 -8.75 34.69 0.27
C SER A 194 -8.41 33.26 -0.12
N GLU A 195 -7.30 33.06 -0.81
CA GLU A 195 -6.88 31.71 -1.17
C GLU A 195 -6.58 30.88 0.07
N ILE A 196 -5.97 31.49 1.08
CA ILE A 196 -5.69 30.77 2.32
C ILE A 196 -6.98 30.41 3.03
N LEU A 197 -7.96 31.34 3.06
CA LEU A 197 -9.24 31.04 3.68
C LEU A 197 -9.94 29.89 2.97
N THR A 198 -9.82 29.82 1.65
CA THR A 198 -10.40 28.70 0.91
C THR A 198 -9.71 27.39 1.24
N GLU A 199 -8.37 27.41 1.35
CA GLU A 199 -7.64 26.21 1.74
C GLU A 199 -8.07 25.74 3.12
N ILE A 200 -8.31 26.67 4.05
CA ILE A 200 -8.76 26.30 5.39
C ILE A 200 -10.11 25.59 5.32
N GLU A 201 -11.03 26.09 4.49
CA GLU A 201 -12.36 25.47 4.42
C GLU A 201 -12.30 24.12 3.71
N GLU A 202 -11.39 23.95 2.76
CA GLU A 202 -11.28 22.68 2.05
C GLU A 202 -10.56 21.62 2.89
N HIS A 203 -9.42 21.98 3.48
CA HIS A 203 -8.61 20.99 4.18
C HIS A 203 -9.12 20.75 5.59
N THR A 204 -9.61 21.80 6.26
CA THR A 204 -10.05 21.72 7.65
C THR A 204 -11.42 22.39 7.77
N PRO A 205 -12.46 21.78 7.21
CA PRO A 205 -13.79 22.38 7.28
C PRO A 205 -14.30 22.40 8.70
N PRO A 206 -15.32 23.20 8.99
CA PRO A 206 -15.94 23.16 10.32
C PRO A 206 -16.52 21.79 10.60
N VAL A 207 -16.30 21.31 11.82
CA VAL A 207 -16.77 20.00 12.24
C VAL A 207 -17.83 20.18 13.32
N ARG A 208 -18.81 19.28 13.32
CA ARG A 208 -19.89 19.31 14.30
C ARG A 208 -19.66 18.26 15.37
N GLN A 209 -19.96 18.62 16.60
CA GLN A 209 -19.99 17.71 17.74
C GLN A 209 -21.20 18.08 18.58
N PRO A 210 -21.80 17.12 19.29
CA PRO A 210 -22.88 17.47 20.22
C PRO A 210 -22.38 18.49 21.23
N LEU A 211 -23.26 19.46 21.56
CA LEU A 211 -22.85 20.55 22.44
C LEU A 211 -22.39 20.01 23.79
N THR A 212 -23.04 18.95 24.28
CA THR A 212 -22.61 18.24 25.47
C THR A 212 -22.55 16.75 25.14
N PHE A 213 -21.61 16.05 25.76
CA PHE A 213 -21.52 14.61 25.58
C PHE A 213 -21.17 13.96 26.91
N LYS A 214 -21.39 12.65 26.97
CA LYS A 214 -21.06 11.85 28.14
C LYS A 214 -19.60 11.41 28.05
N HIS A 215 -18.81 11.75 29.07
CA HIS A 215 -17.42 11.35 29.10
C HIS A 215 -17.32 9.83 29.05
N PRO A 216 -16.67 9.25 28.03
CA PRO A 216 -16.68 7.79 27.87
C PRO A 216 -15.98 7.03 28.99
N LEU A 217 -15.26 7.70 29.88
CA LEU A 217 -14.54 7.02 30.96
C LEU A 217 -15.05 7.38 32.35
N THR A 218 -15.48 8.62 32.56
CA THR A 218 -15.99 9.05 33.86
C THR A 218 -17.51 9.21 33.89
N GLY A 219 -18.17 9.24 32.74
CA GLY A 219 -19.61 9.39 32.69
C GLY A 219 -20.12 10.79 32.94
N GLU A 220 -19.27 11.74 33.32
CA GLU A 220 -19.73 13.09 33.56
C GLU A 220 -20.08 13.78 32.24
N THR A 221 -20.83 14.88 32.35
CA THR A 221 -21.26 15.65 31.18
C THR A 221 -20.29 16.78 30.92
N VAL A 222 -19.78 16.85 29.69
CA VAL A 222 -18.79 17.84 29.30
C VAL A 222 -19.43 18.82 28.33
N LEU A 223 -19.25 20.11 28.58
CA LEU A 223 -19.64 21.16 27.64
C LEU A 223 -18.47 21.41 26.69
N TYR A 224 -18.61 20.95 25.45
CA TYR A 224 -17.49 20.90 24.50
C TYR A 224 -17.49 22.16 23.64
N ILE A 225 -16.98 23.24 24.21
CA ILE A 225 -16.78 24.50 23.50
C ILE A 225 -15.47 25.13 23.94
N SER A 226 -14.95 26.01 23.10
CA SER A 226 -13.78 26.80 23.43
C SER A 226 -13.81 28.08 22.60
N GLU A 227 -13.33 29.17 23.19
CA GLU A 227 -13.37 30.47 22.50
C GLU A 227 -12.53 30.45 21.24
N GLY A 228 -11.46 29.64 21.20
CA GLY A 228 -10.58 29.67 20.06
C GLY A 228 -11.14 28.94 18.84
N PHE A 229 -11.79 27.80 19.06
CA PHE A 229 -12.18 26.93 17.95
C PHE A 229 -13.68 26.87 17.70
N THR A 230 -14.52 27.11 18.71
CA THR A 230 -15.96 27.03 18.52
C THR A 230 -16.49 28.32 17.91
N VAL A 231 -17.02 28.23 16.69
CA VAL A 231 -17.44 29.41 15.94
C VAL A 231 -18.95 29.61 15.91
N GLY A 232 -19.73 28.60 16.28
CA GLY A 232 -21.18 28.75 16.29
C GLY A 232 -21.84 27.50 16.83
N LEU A 233 -23.17 27.57 16.91
CA LEU A 233 -23.98 26.46 17.37
C LEU A 233 -25.05 26.15 16.34
N GLU A 234 -25.57 24.92 16.39
CA GLU A 234 -26.62 24.47 15.49
C GLU A 234 -27.59 23.58 16.26
N ASP A 235 -28.80 23.45 15.73
CA ASP A 235 -29.75 22.51 16.29
C ASP A 235 -29.52 21.12 15.70
N ALA A 236 -30.36 20.17 16.11
CA ALA A 236 -30.19 18.79 15.64
C ALA A 236 -30.32 18.66 14.14
N ASP A 237 -31.00 19.60 13.47
CA ASP A 237 -31.20 19.54 12.04
C ASP A 237 -30.18 20.36 11.26
N GLY A 238 -29.16 20.88 11.93
CA GLY A 238 -28.12 21.63 11.25
C GLY A 238 -28.42 23.10 11.01
N LYS A 239 -29.50 23.63 11.57
CA LYS A 239 -29.77 25.06 11.38
C LYS A 239 -29.03 25.86 12.43
N PRO A 240 -28.36 26.95 12.05
CA PRO A 240 -27.58 27.73 13.03
C PRO A 240 -28.48 28.34 14.10
N VAL A 241 -27.92 28.45 15.30
CA VAL A 241 -28.61 29.09 16.42
C VAL A 241 -28.39 30.59 16.33
N GLU A 242 -29.49 31.35 16.28
CA GLU A 242 -29.40 32.79 16.07
C GLU A 242 -29.13 33.57 17.35
N SER A 243 -29.36 32.98 18.51
CA SER A 243 -29.17 33.68 19.77
C SER A 243 -27.69 33.87 20.07
N ASP A 244 -27.41 34.68 21.09
CA ASP A 244 -26.07 34.85 21.62
C ASP A 244 -25.72 33.80 22.68
N LEU A 245 -26.28 32.60 22.56
CA LEU A 245 -26.05 31.56 23.55
C LEU A 245 -24.57 31.20 23.66
N LEU A 246 -23.87 31.13 22.52
CA LEU A 246 -22.47 30.74 22.54
C LEU A 246 -21.63 31.72 23.33
N GLN A 247 -21.83 33.02 23.10
CA GLN A 247 -21.08 34.03 23.84
C GLN A 247 -21.40 34.00 25.32
N ARG A 248 -22.67 33.72 25.67
CA ARG A 248 -23.05 33.60 27.07
C ARG A 248 -22.41 32.38 27.72
N LEU A 249 -22.24 31.30 26.95
CA LEU A 249 -21.54 30.13 27.48
C LEU A 249 -20.06 30.43 27.71
N PHE A 250 -19.44 31.17 26.79
CA PHE A 250 -18.06 31.62 27.01
C PHE A 250 -17.96 32.49 28.27
N GLU A 251 -18.97 33.35 28.48
CA GLU A 251 -18.96 34.24 29.63
C GLU A 251 -19.12 33.46 30.93
N ALA A 252 -20.07 32.52 30.96
CA ALA A 252 -20.37 31.81 32.20
C ALA A 252 -19.25 30.86 32.59
N THR A 253 -18.61 30.21 31.61
CA THR A 253 -17.55 29.26 31.94
C THR A 253 -16.21 29.93 32.20
N GLY A 254 -16.12 31.24 32.04
CA GLY A 254 -14.92 31.98 32.39
C GLY A 254 -13.96 32.25 31.26
N GLN A 255 -14.35 31.94 30.02
CA GLN A 255 -13.44 32.05 28.88
C GLN A 255 -13.29 33.48 28.37
N LEU A 256 -14.07 34.43 28.89
CA LEU A 256 -13.97 35.82 28.47
C LEU A 256 -13.33 36.71 29.52
N ASP A 257 -12.86 36.16 30.64
CA ASP A 257 -12.22 36.94 31.69
C ASP A 257 -10.73 37.02 31.37
N ASP A 258 -10.30 38.15 30.81
CA ASP A 258 -8.90 38.33 30.47
C ASP A 258 -8.02 38.65 31.68
N THR A 259 -8.58 38.67 32.88
CA THR A 259 -7.78 38.72 34.10
C THR A 259 -7.44 37.33 34.63
N PHE A 260 -8.14 36.30 34.14
CA PHE A 260 -7.88 34.91 34.50
C PHE A 260 -7.98 34.67 35.99
N THR A 261 -8.88 35.40 36.65
CA THR A 261 -9.19 35.19 38.06
C THR A 261 -10.50 34.43 38.27
N HIS A 262 -11.19 34.09 37.18
CA HIS A 262 -12.44 33.35 37.29
C HIS A 262 -12.23 32.04 38.04
N GLU A 263 -13.25 31.64 38.79
CA GLU A 263 -13.16 30.49 39.67
C GLU A 263 -12.98 29.17 38.92
N ASN A 264 -13.34 29.12 37.64
CA ASN A 264 -13.14 27.91 36.85
C ASN A 264 -11.70 27.72 36.40
N ILE A 265 -10.86 28.75 36.53
CA ILE A 265 -9.55 28.79 35.86
C ILE A 265 -8.47 28.35 36.81
N HIS A 266 -7.67 27.37 36.38
CA HIS A 266 -6.46 26.96 37.08
C HIS A 266 -5.24 27.42 36.29
N LEU A 267 -4.23 27.93 36.98
CA LEU A 267 -2.97 28.29 36.36
C LEU A 267 -1.88 27.39 36.89
N PHE A 268 -1.20 26.67 35.99
CA PHE A 268 -0.14 25.75 36.36
C PHE A 268 1.18 26.25 35.74
N HIS A 269 2.23 26.22 36.56
CA HIS A 269 3.58 26.60 36.12
C HIS A 269 4.46 25.36 36.09
N PRO A 270 4.73 24.79 34.92
CA PRO A 270 5.64 23.65 34.87
C PRO A 270 7.07 24.03 35.26
N GLU A 271 7.77 23.08 35.86
CA GLU A 271 9.18 23.24 36.15
C GLU A 271 9.96 22.16 35.43
N GLN A 272 11.28 22.38 35.34
CA GLN A 272 12.15 21.48 34.58
C GLN A 272 12.02 20.05 35.08
N GLY A 273 11.85 19.12 34.15
CA GLY A 273 11.63 17.73 34.46
C GLY A 273 10.18 17.30 34.42
N ASP A 274 9.24 18.25 34.42
CA ASP A 274 7.83 17.91 34.40
C ASP A 274 7.43 17.39 33.02
N LEU A 275 6.53 16.41 33.02
CA LEU A 275 5.92 15.90 31.79
C LEU A 275 4.41 15.79 32.04
N LEU A 276 3.64 16.62 31.35
CA LEU A 276 2.21 16.75 31.61
C LEU A 276 1.41 15.83 30.70
N ILE A 277 0.43 15.15 31.28
CA ILE A 277 -0.56 14.37 30.52
C ILE A 277 -1.92 14.72 31.09
N TRP A 278 -2.78 15.29 30.25
CA TRP A 278 -4.07 15.77 30.75
C TRP A 278 -5.21 15.28 29.88
N ASP A 279 -6.43 15.47 30.40
CA ASP A 279 -7.67 15.01 29.79
C ASP A 279 -8.08 16.00 28.70
N ASN A 280 -7.86 15.62 27.44
CA ASN A 280 -8.22 16.48 26.32
C ASN A 280 -9.72 16.51 26.03
N ARG A 281 -10.50 15.65 26.68
CA ARG A 281 -11.95 15.70 26.55
C ARG A 281 -12.56 16.72 27.49
N SER A 282 -12.12 16.73 28.75
CA SER A 282 -12.72 17.57 29.78
C SER A 282 -12.12 18.97 29.84
N LEU A 283 -10.84 19.12 29.54
CA LEU A 283 -10.13 20.38 29.75
C LEU A 283 -10.05 21.21 28.47
N ILE A 284 -10.19 22.51 28.62
CA ILE A 284 -9.68 23.46 27.64
C ILE A 284 -8.49 24.14 28.27
N HIS A 285 -7.61 24.66 27.43
CA HIS A 285 -6.38 25.24 27.94
C HIS A 285 -5.96 26.41 27.09
N ARG A 286 -5.05 27.22 27.63
CA ARG A 286 -4.51 28.35 26.91
C ARG A 286 -3.13 28.67 27.48
N ALA A 287 -2.19 28.99 26.59
CA ALA A 287 -0.81 29.16 26.99
C ALA A 287 -0.57 30.54 27.59
N LEU A 288 0.25 30.57 28.64
CA LEU A 288 0.77 31.81 29.21
C LEU A 288 2.23 31.91 28.81
N HIS A 289 2.57 32.92 28.01
CA HIS A 289 3.93 33.15 27.55
C HIS A 289 4.38 34.55 27.94
N THR A 290 5.70 34.75 27.95
CA THR A 290 6.22 36.09 28.15
C THR A 290 5.94 36.95 26.92
N THR A 291 6.02 38.26 27.10
CA THR A 291 5.96 39.21 25.99
C THR A 291 7.36 39.63 25.56
N THR A 292 8.28 38.67 25.52
CA THR A 292 9.68 38.89 25.26
C THR A 292 10.18 37.83 24.30
N PRO A 293 11.35 38.01 23.68
CA PRO A 293 11.91 36.96 22.83
C PRO A 293 12.66 35.89 23.61
N GLU A 294 12.45 35.83 24.93
CA GLU A 294 13.17 34.86 25.75
C GLU A 294 12.87 33.44 25.28
N PRO A 295 13.88 32.56 25.21
CA PRO A 295 13.67 31.23 24.66
C PRO A 295 12.64 30.43 25.46
N VAL A 296 11.76 29.75 24.73
CA VAL A 296 10.76 28.86 25.32
C VAL A 296 10.47 27.75 24.33
N VAL A 297 10.57 26.50 24.78
CA VAL A 297 10.41 25.33 23.93
C VAL A 297 9.60 24.28 24.68
N SER A 298 8.62 23.70 23.99
CA SER A 298 7.82 22.59 24.53
C SER A 298 7.53 21.58 23.43
N PHE A 299 7.58 20.30 23.79
CA PHE A 299 7.31 19.21 22.87
C PHE A 299 5.96 18.58 23.21
N ARG A 300 5.12 18.39 22.19
CA ARG A 300 3.78 17.85 22.40
C ARG A 300 3.62 16.52 21.67
N VAL A 301 3.00 15.56 22.36
CA VAL A 301 2.58 14.30 21.78
C VAL A 301 1.11 14.09 22.12
N THR A 302 0.32 13.64 21.15
CA THR A 302 -1.12 13.49 21.31
C THR A 302 -1.53 12.10 20.88
N VAL A 303 -2.28 11.39 21.73
CA VAL A 303 -2.62 9.99 21.51
C VAL A 303 -4.11 9.75 21.67
N HIS A 304 -4.63 8.80 20.89
CA HIS A 304 -5.97 8.28 21.11
C HIS A 304 -5.93 7.24 22.21
N ASP A 305 -6.86 7.32 23.16
CA ASP A 305 -6.95 6.25 24.15
C ASP A 305 -7.89 5.17 23.63
N GLU A 306 -8.54 4.45 24.55
CA GLU A 306 -9.38 3.33 24.16
C GLU A 306 -10.75 3.77 23.60
N HIS A 307 -11.06 5.05 23.66
CA HIS A 307 -12.36 5.55 23.23
C HIS A 307 -12.18 6.72 22.27
N LYS A 308 -13.24 6.98 21.50
CA LYS A 308 -13.32 8.21 20.72
C LYS A 308 -13.75 9.34 21.66
N LEU A 309 -14.14 10.49 21.08
CA LEU A 309 -14.57 11.61 21.90
C LEU A 309 -15.65 11.20 22.89
N TYR A 310 -16.66 10.48 22.40
CA TYR A 310 -17.69 9.90 23.23
C TYR A 310 -18.14 8.59 22.60
N ASP A 311 -18.75 7.73 23.41
CA ASP A 311 -19.18 6.43 22.92
C ASP A 311 -20.36 6.57 21.96
N GLY A 312 -20.40 5.70 20.97
CA GLY A 312 -21.43 5.78 19.95
C GLY A 312 -21.27 6.95 19.00
N MET A 313 -20.07 7.49 18.88
CA MET A 313 -19.85 8.65 18.02
C MET A 313 -20.02 8.25 16.56
N PRO A 314 -20.94 8.88 15.82
CA PRO A 314 -21.19 8.56 14.41
C PRO A 314 -20.02 8.95 13.50
N MET B 21 -1.09 0.35 -43.22
CA MET B 21 -0.15 -0.68 -42.80
C MET B 21 -0.29 -1.94 -43.67
N GLU B 22 0.84 -2.49 -44.10
CA GLU B 22 0.85 -3.72 -44.88
C GLU B 22 1.94 -4.65 -44.36
N ILE B 23 1.64 -5.95 -44.35
CA ILE B 23 2.54 -6.97 -43.83
C ILE B 23 3.07 -7.78 -45.01
N LYS B 24 4.39 -7.81 -45.15
CA LYS B 24 5.06 -8.55 -46.22
C LYS B 24 5.89 -9.67 -45.63
N ALA B 25 5.90 -10.82 -46.30
CA ALA B 25 6.71 -11.95 -45.87
C ALA B 25 8.16 -11.75 -46.30
N SER B 30 10.30 -18.81 -44.91
CA SER B 30 9.03 -18.78 -44.20
C SER B 30 9.20 -18.22 -42.79
N PHE B 31 10.34 -17.59 -42.55
CA PHE B 31 10.70 -17.06 -41.24
C PHE B 31 10.71 -15.54 -41.30
N GLY B 32 9.83 -14.90 -40.53
CA GLY B 32 9.84 -13.47 -40.36
C GLY B 32 8.93 -12.75 -41.33
N ALA B 33 8.69 -11.47 -41.02
CA ALA B 33 7.85 -10.61 -41.83
C ALA B 33 8.15 -9.16 -41.50
N SER B 34 7.86 -8.29 -42.45
CA SER B 34 7.99 -6.85 -42.28
C SER B 34 6.62 -6.21 -42.15
N VAL B 35 6.56 -5.11 -41.41
CA VAL B 35 5.33 -4.35 -41.23
C VAL B 35 5.63 -2.91 -41.63
N GLU B 36 5.11 -2.49 -42.77
CA GLU B 36 5.32 -1.14 -43.27
C GLU B 36 4.17 -0.23 -42.87
N GLY B 37 4.48 1.06 -42.73
CA GLY B 37 3.45 2.05 -42.48
C GLY B 37 2.69 1.88 -41.18
N PHE B 38 3.33 1.31 -40.16
CA PHE B 38 2.69 1.15 -38.86
C PHE B 38 2.96 2.39 -38.01
N ASP B 39 1.90 3.03 -37.54
CA ASP B 39 1.98 4.14 -36.60
C ASP B 39 1.17 3.75 -35.38
N HIS B 40 1.85 3.55 -34.24
CA HIS B 40 1.16 3.07 -33.05
C HIS B 40 0.12 4.07 -32.55
N THR B 41 0.32 5.37 -32.82
CA THR B 41 -0.65 6.37 -32.42
C THR B 41 -1.92 6.35 -33.27
N THR B 42 -1.93 5.62 -34.39
CA THR B 42 -3.12 5.51 -35.22
C THR B 42 -3.53 4.07 -35.46
N ALA B 43 -2.86 3.10 -34.84
CA ALA B 43 -3.14 1.70 -35.10
C ALA B 43 -4.48 1.30 -34.47
N THR B 44 -5.34 0.67 -35.27
CA THR B 44 -6.58 0.14 -34.75
C THR B 44 -6.32 -1.08 -33.87
N ALA B 45 -7.33 -1.45 -33.10
CA ALA B 45 -7.23 -2.69 -32.32
C ALA B 45 -7.09 -3.89 -33.25
N GLU B 46 -7.67 -3.82 -34.45
CA GLU B 46 -7.50 -4.90 -35.42
C GLU B 46 -6.09 -4.91 -36.00
N ASP B 47 -5.42 -3.75 -36.03
CA ASP B 47 -4.04 -3.71 -36.49
C ASP B 47 -3.13 -4.48 -35.54
N ILE B 48 -3.31 -4.29 -34.22
CA ILE B 48 -2.52 -5.02 -33.24
C ILE B 48 -2.77 -6.51 -33.37
N LYS B 49 -4.02 -6.91 -33.62
CA LYS B 49 -4.34 -8.32 -33.78
C LYS B 49 -3.61 -8.92 -34.98
N ALA B 50 -3.56 -8.18 -36.11
CA ALA B 50 -2.90 -8.69 -37.30
C ALA B 50 -1.40 -8.86 -37.07
N ILE B 51 -0.77 -7.93 -36.36
CA ILE B 51 0.66 -8.04 -36.09
C ILE B 51 0.91 -9.15 -35.07
N LYS B 52 0.10 -9.22 -34.02
CA LYS B 52 0.22 -10.30 -33.05
C LYS B 52 0.11 -11.66 -33.73
N GLU B 53 -0.85 -11.81 -34.65
CA GLU B 53 -0.97 -13.05 -35.39
C GLU B 53 0.26 -13.32 -36.24
N THR B 54 0.84 -12.27 -36.84
CA THR B 54 2.06 -12.44 -37.61
C THR B 54 3.21 -12.87 -36.71
N ILE B 55 3.27 -12.33 -35.49
CA ILE B 55 4.35 -12.67 -34.57
C ILE B 55 4.29 -14.15 -34.19
N TYR B 56 3.10 -14.65 -33.84
CA TYR B 56 3.00 -16.02 -33.36
C TYR B 56 3.20 -17.05 -34.46
N THR B 57 3.03 -16.66 -35.72
CA THR B 57 3.15 -17.59 -36.83
C THR B 57 4.45 -17.42 -37.61
N LYS B 58 4.86 -16.18 -37.90
CA LYS B 58 6.13 -15.93 -38.56
C LYS B 58 7.28 -15.73 -37.59
N LYS B 59 7.00 -15.74 -36.28
CA LYS B 59 7.99 -15.79 -35.20
C LYS B 59 8.68 -14.45 -34.96
N ILE B 60 8.79 -13.59 -35.96
CA ILE B 60 9.38 -12.27 -35.76
C ILE B 60 8.75 -11.29 -36.75
N ALA B 61 8.27 -10.16 -36.23
CA ALA B 61 7.74 -9.07 -37.04
C ALA B 61 8.67 -7.87 -36.92
N VAL B 62 9.10 -7.33 -38.07
CA VAL B 62 10.04 -6.23 -38.11
C VAL B 62 9.28 -4.99 -38.57
N LEU B 63 8.87 -4.15 -37.61
CA LEU B 63 8.26 -2.87 -37.93
C LEU B 63 9.31 -1.95 -38.53
N LYS B 64 8.95 -1.27 -39.62
CA LYS B 64 9.88 -0.43 -40.36
C LYS B 64 9.60 1.04 -40.11
N GLY B 65 10.63 1.87 -40.26
CA GLY B 65 10.49 3.31 -40.14
C GLY B 65 9.93 3.79 -38.81
N GLN B 66 10.41 3.21 -37.71
CA GLN B 66 9.97 3.60 -36.37
C GLN B 66 10.94 4.62 -35.80
N ASP B 67 10.45 5.83 -35.54
CA ASP B 67 11.21 6.92 -34.95
C ASP B 67 10.49 7.36 -33.69
N LEU B 68 10.80 6.70 -32.57
CA LEU B 68 10.07 6.89 -31.32
C LEU B 68 11.00 7.34 -30.21
N THR B 69 10.52 8.27 -29.39
CA THR B 69 11.17 8.56 -28.12
C THR B 69 11.00 7.37 -27.19
N PRO B 70 11.80 7.30 -26.13
CA PRO B 70 11.61 6.20 -25.16
C PRO B 70 10.18 6.11 -24.63
N ALA B 71 9.55 7.23 -24.30
CA ALA B 71 8.18 7.18 -23.81
C ALA B 71 7.24 6.61 -24.86
N GLN B 72 7.39 7.00 -26.12
CA GLN B 72 6.54 6.47 -27.18
C GLN B 72 6.84 5.01 -27.45
N TYR B 73 8.12 4.62 -27.38
CA TYR B 73 8.48 3.22 -27.50
C TYR B 73 7.75 2.38 -26.45
N LEU B 74 7.73 2.87 -25.20
CA LEU B 74 7.03 2.14 -24.15
C LEU B 74 5.53 2.06 -24.43
N GLU B 75 4.97 3.11 -25.02
CA GLU B 75 3.54 3.09 -25.36
C GLU B 75 3.25 2.04 -26.43
N LEU B 76 4.07 2.01 -27.49
CA LEU B 76 3.96 0.94 -28.47
C LEU B 76 4.10 -0.42 -27.81
N GLY B 77 4.99 -0.54 -26.84
CA GLY B 77 5.20 -1.82 -26.18
C GLY B 77 3.96 -2.28 -25.43
N LYS B 78 3.38 -1.40 -24.60
CA LYS B 78 2.25 -1.83 -23.81
C LYS B 78 0.97 -1.97 -24.62
N MET B 79 1.01 -1.70 -25.93
CA MET B 79 -0.09 -2.07 -26.81
C MET B 79 -0.12 -3.57 -27.09
N PHE B 80 1.01 -4.26 -26.90
CA PHE B 80 1.10 -5.69 -27.16
C PHE B 80 1.03 -6.52 -25.88
N GLY B 81 1.01 -5.89 -24.71
CA GLY B 81 0.94 -6.61 -23.47
C GLY B 81 1.36 -5.72 -22.31
N ARG B 82 1.54 -6.36 -21.16
CA ARG B 82 1.96 -5.63 -19.97
C ARG B 82 3.45 -5.79 -19.78
N PRO B 83 4.22 -4.70 -19.71
CA PRO B 83 5.68 -4.84 -19.63
C PRO B 83 6.15 -5.42 -18.31
N VAL B 84 7.23 -6.19 -18.39
CA VAL B 84 7.93 -6.71 -17.22
C VAL B 84 9.26 -5.97 -17.13
N VAL B 85 9.58 -5.50 -15.93
CA VAL B 85 10.85 -4.83 -15.69
C VAL B 85 11.92 -5.89 -15.41
N TYR B 86 13.06 -5.79 -16.10
CA TYR B 86 14.14 -6.72 -15.86
C TYR B 86 14.58 -6.66 -14.40
N TYR B 87 14.87 -7.83 -13.82
CA TYR B 87 15.05 -7.93 -12.38
C TYR B 87 16.29 -7.18 -11.90
N GLU B 88 17.31 -7.01 -12.76
CA GLU B 88 18.54 -6.37 -12.34
C GLU B 88 18.54 -4.91 -12.78
N PRO B 89 18.52 -3.94 -11.85
CA PRO B 89 18.37 -2.53 -12.25
C PRO B 89 19.55 -1.96 -13.01
N MET B 90 20.70 -2.63 -13.01
CA MET B 90 21.86 -2.17 -13.78
C MET B 90 21.49 -1.97 -15.26
N TYR B 91 20.54 -2.75 -15.77
CA TYR B 91 20.18 -2.71 -17.18
C TYR B 91 19.17 -1.62 -17.52
N LYS B 92 18.58 -0.96 -16.53
CA LYS B 92 17.37 -0.18 -16.79
C LYS B 92 17.69 1.19 -17.37
N HIS B 93 16.80 1.65 -18.25
CA HIS B 93 16.87 3.00 -18.77
C HIS B 93 16.60 4.00 -17.64
N PRO B 94 17.38 5.08 -17.56
CA PRO B 94 17.25 5.98 -16.39
C PRO B 94 15.91 6.68 -16.28
N GLU B 95 15.15 6.80 -17.37
CA GLU B 95 13.87 7.49 -17.32
C GLU B 95 12.67 6.57 -17.43
N PHE B 96 12.84 5.35 -17.91
CA PHE B 96 11.74 4.39 -18.03
C PHE B 96 12.31 3.01 -17.70
N GLU B 97 12.11 2.56 -16.46
CA GLU B 97 12.72 1.31 -16.00
C GLU B 97 12.25 0.11 -16.80
N GLU B 98 11.12 0.21 -17.50
CA GLU B 98 10.67 -0.90 -18.34
C GLU B 98 11.58 -1.13 -19.53
N ILE B 99 12.44 -0.19 -19.86
CA ILE B 99 13.31 -0.30 -21.02
C ILE B 99 14.64 -0.88 -20.61
N PHE B 100 14.99 -2.01 -21.24
CA PHE B 100 16.25 -2.72 -21.02
C PHE B 100 17.26 -2.19 -22.04
N VAL B 101 18.42 -1.74 -21.56
CA VAL B 101 19.38 -1.03 -22.40
C VAL B 101 20.63 -1.88 -22.56
N SER B 102 20.93 -2.24 -23.81
CA SER B 102 22.22 -2.81 -24.18
C SER B 102 23.02 -1.73 -24.89
N SER B 103 24.12 -1.30 -24.28
CA SER B 103 24.85 -0.15 -24.78
C SER B 103 26.30 -0.21 -24.33
N ASN B 104 27.21 0.16 -25.23
CA ASN B 104 28.62 0.33 -24.91
C ASN B 104 29.05 1.79 -25.03
N VAL B 105 28.10 2.71 -25.03
CA VAL B 105 28.38 4.14 -25.19
C VAL B 105 28.41 4.77 -23.81
N PRO B 106 29.54 5.36 -23.38
CA PRO B 106 29.69 5.95 -22.04
C PRO B 106 29.04 7.32 -21.91
N GLY B 109 31.26 9.80 -19.59
CA GLY B 109 32.25 8.79 -19.33
C GLY B 109 31.73 7.63 -18.50
N LYS B 110 30.52 7.79 -17.97
CA LYS B 110 29.86 6.76 -17.18
C LYS B 110 28.92 5.94 -18.05
N GLN B 111 28.62 4.73 -17.59
CA GLN B 111 27.90 3.73 -18.38
C GLN B 111 26.42 3.69 -18.02
N ILE B 112 25.58 3.65 -19.04
CA ILE B 112 24.15 3.37 -18.88
C ILE B 112 23.84 2.07 -19.62
N GLY B 113 23.01 1.23 -19.01
CA GLY B 113 22.81 -0.07 -19.59
C GLY B 113 24.02 -0.97 -19.40
N VAL B 114 24.07 -2.03 -20.19
CA VAL B 114 25.14 -3.04 -20.10
C VAL B 114 25.67 -3.32 -21.50
N PRO B 115 26.98 -3.39 -21.68
CA PRO B 115 27.54 -3.55 -23.04
C PRO B 115 27.28 -4.93 -23.61
N LYS B 116 26.75 -4.95 -24.83
CA LYS B 116 26.65 -6.14 -25.69
C LYS B 116 26.07 -7.34 -24.93
N THR B 117 24.82 -7.19 -24.53
CA THR B 117 24.12 -8.24 -23.82
C THR B 117 23.74 -9.38 -24.78
N GLY B 118 23.53 -10.56 -24.20
CA GLY B 118 22.93 -11.67 -24.91
C GLY B 118 23.81 -12.39 -25.92
N LYS B 119 25.13 -12.40 -25.73
CA LYS B 119 26.04 -13.05 -26.67
C LYS B 119 26.13 -14.56 -26.40
N PHE B 120 24.96 -15.21 -26.42
CA PHE B 120 24.83 -16.63 -26.14
C PHE B 120 23.40 -17.05 -26.48
N TRP B 121 23.21 -18.34 -26.75
CA TRP B 121 21.88 -18.85 -27.06
C TRP B 121 21.00 -18.80 -25.82
N HIS B 122 19.82 -18.20 -25.95
CA HIS B 122 18.93 -18.11 -24.81
C HIS B 122 17.55 -17.67 -25.25
N ALA B 123 16.55 -18.07 -24.48
CA ALA B 123 15.25 -17.44 -24.48
C ALA B 123 15.18 -16.46 -23.32
N ASP B 124 14.45 -15.37 -23.52
CA ASP B 124 14.41 -14.31 -22.52
C ASP B 124 13.63 -14.75 -21.29
N TYR B 125 14.19 -14.46 -20.11
CA TYR B 125 13.63 -14.82 -18.81
C TYR B 125 13.41 -16.31 -18.66
N GLN B 126 14.13 -17.11 -19.44
CA GLN B 126 14.06 -18.56 -19.30
C GLN B 126 14.50 -19.02 -17.91
N PHE B 127 15.38 -18.25 -17.27
CA PHE B 127 15.86 -18.56 -15.93
C PHE B 127 14.92 -18.09 -14.84
N MET B 128 13.76 -17.52 -15.21
CA MET B 128 12.82 -16.95 -14.25
C MET B 128 11.56 -17.80 -14.16
N PRO B 129 10.82 -17.70 -13.05
CA PRO B 129 9.63 -18.55 -12.90
C PRO B 129 8.52 -18.24 -13.89
N ASP B 130 8.35 -16.98 -14.29
CA ASP B 130 7.21 -16.54 -15.12
C ASP B 130 7.72 -15.83 -16.36
N PRO B 131 8.17 -16.59 -17.38
CA PRO B 131 8.67 -15.96 -18.60
C PRO B 131 7.55 -15.36 -19.43
N PHE B 132 7.86 -14.26 -20.11
CA PHE B 132 6.93 -13.53 -20.95
C PHE B 132 6.97 -14.06 -22.38
N GLY B 133 5.93 -13.72 -23.14
CA GLY B 133 5.78 -14.26 -24.48
C GLY B 133 6.35 -13.42 -25.61
N LEU B 134 6.53 -12.12 -25.38
CA LEU B 134 6.90 -11.20 -26.44
C LEU B 134 8.12 -10.39 -26.03
N THR B 135 9.11 -10.32 -26.93
CA THR B 135 10.30 -9.49 -26.76
C THR B 135 10.32 -8.42 -27.85
N LEU B 136 10.56 -7.18 -27.45
CA LEU B 136 10.67 -6.06 -28.38
C LEU B 136 12.08 -5.51 -28.32
N ILE B 137 12.70 -5.33 -29.48
CA ILE B 137 14.05 -4.77 -29.59
C ILE B 137 14.01 -3.59 -30.54
N TYR B 138 14.49 -2.44 -30.08
CA TYR B 138 14.48 -1.19 -30.84
C TYR B 138 15.91 -0.69 -30.94
N PRO B 139 16.62 -1.03 -32.02
CA PRO B 139 18.00 -0.54 -32.15
C PRO B 139 18.05 0.97 -32.26
N GLN B 140 19.02 1.57 -31.56
CA GLN B 140 19.28 3.00 -31.60
C GLN B 140 20.55 3.36 -32.35
N VAL B 141 21.63 2.60 -32.15
CA VAL B 141 22.89 2.79 -32.86
C VAL B 141 23.32 1.43 -33.38
N ILE B 142 23.59 1.34 -34.67
CA ILE B 142 23.88 0.07 -35.33
C ILE B 142 25.22 0.18 -36.04
N PRO B 143 26.21 -0.64 -35.69
CA PRO B 143 27.40 -0.73 -36.54
C PRO B 143 27.03 -1.31 -37.88
N GLN B 144 27.75 -0.87 -38.91
CA GLN B 144 27.44 -1.34 -40.26
C GLN B 144 27.74 -2.83 -40.43
N LYS B 145 28.87 -3.30 -39.91
CA LYS B 145 29.31 -4.67 -40.16
C LYS B 145 29.36 -5.47 -38.86
N ASN B 146 29.11 -6.78 -39.01
CA ASN B 146 29.24 -7.76 -37.94
C ASN B 146 28.23 -7.53 -36.81
N ARG B 147 27.08 -6.97 -37.14
CA ARG B 147 26.04 -6.68 -36.14
C ARG B 147 24.74 -7.35 -36.58
N GLY B 148 24.19 -8.20 -35.71
CA GLY B 148 22.94 -8.85 -36.02
C GLY B 148 22.46 -9.70 -34.86
N THR B 149 21.50 -10.58 -35.15
CA THR B 149 20.97 -11.49 -34.15
C THR B 149 20.67 -12.83 -34.82
N TYR B 150 21.24 -13.90 -34.28
CA TYR B 150 20.89 -15.25 -34.70
C TYR B 150 19.59 -15.69 -34.01
N TYR B 151 18.83 -16.54 -34.70
CA TYR B 151 17.58 -17.05 -34.19
C TYR B 151 17.44 -18.54 -34.53
N ILE B 152 16.79 -19.27 -33.64
CA ILE B 152 16.41 -20.66 -33.89
C ILE B 152 14.98 -20.85 -33.39
N ASP B 153 14.12 -21.36 -34.26
CA ASP B 153 12.76 -21.74 -33.88
C ASP B 153 12.82 -23.11 -33.20
N MET B 154 12.65 -23.13 -31.88
CA MET B 154 12.72 -24.38 -31.14
C MET B 154 11.47 -25.22 -31.28
N GLY B 155 10.40 -24.70 -31.91
CA GLY B 155 9.26 -25.52 -32.24
C GLY B 155 9.55 -26.33 -33.49
N LYS B 156 10.01 -25.64 -34.55
CA LYS B 156 10.48 -26.33 -35.74
C LYS B 156 11.68 -27.22 -35.44
N ALA B 157 12.51 -26.82 -34.47
CA ALA B 157 13.66 -27.64 -34.10
C ALA B 157 13.22 -28.95 -33.48
N TYR B 158 12.14 -28.93 -32.69
CA TYR B 158 11.61 -30.17 -32.12
C TYR B 158 11.08 -31.08 -33.22
N GLU B 159 10.29 -30.54 -34.14
CA GLU B 159 9.69 -31.36 -35.18
C GLU B 159 10.74 -32.00 -36.08
N ARG B 160 11.91 -31.38 -36.19
CA ARG B 160 12.99 -31.94 -37.00
C ARG B 160 13.79 -33.02 -36.28
N LEU B 161 13.57 -33.21 -34.98
CA LEU B 161 14.26 -34.27 -34.27
C LEU B 161 13.72 -35.63 -34.70
N PRO B 162 14.57 -36.66 -34.71
CA PRO B 162 14.07 -38.01 -34.95
C PRO B 162 13.05 -38.41 -33.89
N GLN B 163 12.15 -39.32 -34.27
CA GLN B 163 11.10 -39.75 -33.34
C GLN B 163 11.69 -40.42 -32.11
N GLU B 164 12.88 -41.05 -32.24
CA GLU B 164 13.56 -41.60 -31.08
C GLU B 164 13.89 -40.51 -30.08
N LEU B 165 14.35 -39.35 -30.57
CA LEU B 165 14.64 -38.24 -29.68
C LEU B 165 13.38 -37.62 -29.11
N LYS B 166 12.29 -37.58 -29.89
CA LYS B 166 11.04 -37.05 -29.38
C LYS B 166 10.53 -37.87 -28.20
N ASP B 167 10.66 -39.20 -28.28
CA ASP B 167 10.22 -40.05 -27.18
C ASP B 167 11.13 -39.90 -25.97
N GLU B 168 12.42 -39.68 -26.19
CA GLU B 168 13.35 -39.52 -25.08
C GLU B 168 13.00 -38.30 -24.22
N VAL B 169 12.62 -37.19 -24.86
CA VAL B 169 12.36 -35.95 -24.14
C VAL B 169 10.97 -35.88 -23.55
N ALA B 170 10.11 -36.86 -23.81
CA ALA B 170 8.74 -36.81 -23.34
C ALA B 170 8.68 -36.92 -21.82
N GLY B 171 7.90 -36.03 -21.20
CA GLY B 171 7.71 -36.07 -19.76
C GLY B 171 8.89 -35.65 -18.92
N LEU B 172 9.92 -35.05 -19.52
CA LEU B 172 11.09 -34.57 -18.79
C LEU B 172 10.94 -33.10 -18.45
N TYR B 173 11.89 -32.60 -17.65
CA TYR B 173 11.87 -31.23 -17.17
C TYR B 173 13.24 -30.61 -17.37
N GLY B 174 13.27 -29.40 -17.93
CA GLY B 174 14.51 -28.66 -18.05
C GLY B 174 14.75 -27.78 -16.83
N VAL B 175 16.02 -27.68 -16.45
CA VAL B 175 16.44 -26.83 -15.32
C VAL B 175 17.19 -25.65 -15.89
N HIS B 176 16.72 -24.44 -15.59
CA HIS B 176 17.23 -23.22 -16.18
C HIS B 176 17.75 -22.28 -15.10
N SER B 177 18.94 -21.72 -15.33
CA SER B 177 19.59 -20.87 -14.35
C SER B 177 20.33 -19.75 -15.06
N VAL B 178 20.42 -18.60 -14.39
CA VAL B 178 21.18 -17.45 -14.89
C VAL B 178 22.64 -17.48 -14.45
N ARG B 179 23.06 -18.49 -13.68
CA ARG B 179 24.36 -18.47 -13.02
C ARG B 179 25.54 -18.57 -13.99
N LYS B 180 25.30 -18.93 -15.25
CA LYS B 180 26.41 -18.97 -16.20
C LYS B 180 26.71 -17.58 -16.77
N TYR B 181 25.68 -16.80 -17.09
CA TYR B 181 25.87 -15.55 -17.80
C TYR B 181 25.43 -14.34 -16.98
N PHE B 182 25.25 -14.50 -15.67
CA PHE B 182 25.13 -13.37 -14.78
C PHE B 182 26.33 -12.45 -14.96
N LYS B 183 26.06 -11.16 -15.19
CA LYS B 183 27.11 -10.19 -15.48
C LYS B 183 27.54 -9.48 -14.21
N ILE B 184 28.86 -9.35 -14.03
CA ILE B 184 29.41 -8.64 -12.89
C ILE B 184 29.01 -7.17 -12.96
N ARG B 185 28.47 -6.66 -11.86
CA ARG B 185 28.02 -5.28 -11.75
C ARG B 185 29.11 -4.41 -11.16
N PRO B 186 29.04 -3.10 -11.35
CA PRO B 186 30.03 -2.21 -10.72
C PRO B 186 30.19 -2.41 -9.22
N HIS B 187 29.08 -2.54 -8.49
CA HIS B 187 29.16 -2.67 -7.03
C HIS B 187 29.59 -4.06 -6.59
N ASP B 188 29.89 -4.96 -7.53
CA ASP B 188 30.43 -6.27 -7.20
C ASP B 188 31.94 -6.27 -7.02
N VAL B 189 32.62 -5.16 -7.36
CA VAL B 189 34.07 -5.12 -7.26
C VAL B 189 34.49 -5.29 -5.82
N TYR B 190 35.53 -6.10 -5.61
CA TYR B 190 36.12 -6.46 -4.32
C TYR B 190 35.25 -7.41 -3.52
N ARG B 191 34.08 -7.83 -4.04
CA ARG B 191 33.33 -8.88 -3.37
C ARG B 191 33.98 -10.25 -3.65
N PRO B 192 33.94 -11.15 -2.68
CA PRO B 192 34.37 -12.54 -2.98
C PRO B 192 33.31 -13.23 -3.83
N ILE B 193 33.78 -13.99 -4.82
CA ILE B 193 32.88 -14.50 -5.84
C ILE B 193 31.85 -15.48 -5.28
N SER B 194 32.16 -16.15 -4.16
CA SER B 194 31.19 -17.06 -3.57
C SER B 194 29.96 -16.33 -3.04
N GLU B 195 30.14 -15.08 -2.59
CA GLU B 195 29.00 -14.29 -2.14
C GLU B 195 28.06 -13.98 -3.30
N ILE B 196 28.61 -13.72 -4.48
CA ILE B 196 27.77 -13.46 -5.65
C ILE B 196 27.07 -14.74 -6.09
N LEU B 197 27.79 -15.87 -6.06
CA LEU B 197 27.16 -17.14 -6.41
C LEU B 197 26.03 -17.47 -5.45
N THR B 198 26.20 -17.14 -4.16
CA THR B 198 25.13 -17.34 -3.20
C THR B 198 23.95 -16.41 -3.47
N GLU B 199 24.23 -15.15 -3.82
CA GLU B 199 23.18 -14.21 -4.19
C GLU B 199 22.39 -14.71 -5.38
N ILE B 200 23.06 -15.32 -6.36
CA ILE B 200 22.37 -15.82 -7.54
C ILE B 200 21.41 -16.94 -7.17
N GLU B 201 21.84 -17.86 -6.32
CA GLU B 201 20.97 -18.97 -5.94
C GLU B 201 19.80 -18.50 -5.08
N GLU B 202 20.00 -17.44 -4.30
CA GLU B 202 18.92 -16.94 -3.44
C GLU B 202 17.91 -16.11 -4.23
N HIS B 203 18.39 -15.12 -4.99
CA HIS B 203 17.50 -14.22 -5.70
C HIS B 203 16.94 -14.84 -6.97
N THR B 204 17.75 -15.61 -7.69
CA THR B 204 17.38 -16.22 -8.96
C THR B 204 17.68 -17.71 -8.93
N PRO B 205 16.92 -18.48 -8.16
CA PRO B 205 17.17 -19.92 -8.07
C PRO B 205 16.94 -20.59 -9.40
N PRO B 206 17.47 -21.80 -9.60
CA PRO B 206 17.18 -22.54 -10.83
C PRO B 206 15.69 -22.83 -10.94
N VAL B 207 15.17 -22.73 -12.16
CA VAL B 207 13.75 -22.85 -12.45
C VAL B 207 13.51 -24.07 -13.32
N ARG B 208 12.47 -24.84 -12.98
CA ARG B 208 12.07 -26.01 -13.75
C ARG B 208 10.86 -25.67 -14.62
N GLN B 209 10.91 -26.10 -15.87
CA GLN B 209 9.79 -26.07 -16.79
C GLN B 209 9.72 -27.41 -17.49
N PRO B 210 8.55 -27.80 -18.01
CA PRO B 210 8.50 -29.01 -18.84
C PRO B 210 9.47 -28.90 -20.00
N LEU B 211 10.12 -30.03 -20.32
CA LEU B 211 11.11 -30.04 -21.40
C LEU B 211 10.46 -29.63 -22.71
N THR B 212 9.22 -30.06 -22.94
CA THR B 212 8.42 -29.62 -24.07
C THR B 212 7.08 -29.11 -23.55
N PHE B 213 6.50 -28.15 -24.27
CA PHE B 213 5.18 -27.64 -23.92
C PHE B 213 4.45 -27.26 -25.20
N LYS B 214 3.14 -27.08 -25.07
CA LYS B 214 2.31 -26.66 -26.19
C LYS B 214 2.21 -25.15 -26.21
N HIS B 215 2.49 -24.55 -27.35
CA HIS B 215 2.37 -23.11 -27.54
C HIS B 215 0.93 -22.69 -27.26
N PRO B 216 0.69 -21.80 -26.29
CA PRO B 216 -0.70 -21.47 -25.92
C PRO B 216 -1.46 -20.67 -26.98
N LEU B 217 -0.86 -20.39 -28.14
CA LEU B 217 -1.53 -19.60 -29.16
C LEU B 217 -1.54 -20.31 -30.50
N THR B 218 -0.52 -21.11 -30.78
CA THR B 218 -0.43 -21.84 -32.04
C THR B 218 -0.53 -23.35 -31.88
N GLY B 219 -0.52 -23.86 -30.64
CA GLY B 219 -0.65 -25.28 -30.42
C GLY B 219 0.53 -26.13 -30.83
N GLU B 220 1.61 -25.53 -31.31
CA GLU B 220 2.78 -26.32 -31.63
C GLU B 220 3.56 -26.67 -30.36
N THR B 221 4.38 -27.71 -30.45
CA THR B 221 5.16 -28.19 -29.32
C THR B 221 6.56 -27.56 -29.38
N VAL B 222 6.97 -26.94 -28.29
CA VAL B 222 8.24 -26.21 -28.22
C VAL B 222 9.19 -26.98 -27.32
N LEU B 223 10.39 -27.27 -27.85
CA LEU B 223 11.48 -27.80 -27.03
C LEU B 223 12.17 -26.62 -26.35
N TYR B 224 11.95 -26.48 -25.05
CA TYR B 224 12.30 -25.26 -24.32
C TYR B 224 13.65 -25.46 -23.62
N ILE B 225 14.73 -25.33 -24.41
CA ILE B 225 16.09 -25.35 -23.89
C ILE B 225 16.92 -24.31 -24.62
N SER B 226 18.03 -23.92 -23.99
CA SER B 226 19.01 -23.06 -24.62
C SER B 226 20.37 -23.31 -23.98
N GLU B 227 21.42 -23.19 -24.79
CA GLU B 227 22.78 -23.44 -24.31
C GLU B 227 23.15 -22.52 -23.15
N GLY B 228 22.64 -21.29 -23.15
CA GLY B 228 23.06 -20.32 -22.16
C GLY B 228 22.39 -20.46 -20.81
N PHE B 229 21.12 -20.88 -20.78
CA PHE B 229 20.36 -20.89 -19.54
C PHE B 229 20.00 -22.28 -19.03
N THR B 230 19.88 -23.27 -19.91
CA THR B 230 19.48 -24.61 -19.47
C THR B 230 20.71 -25.36 -18.96
N VAL B 231 20.69 -25.72 -17.68
CA VAL B 231 21.84 -26.32 -17.02
C VAL B 231 21.67 -27.81 -16.77
N GLY B 232 20.50 -28.39 -17.02
CA GLY B 232 20.33 -29.81 -16.83
C GLY B 232 18.90 -30.22 -17.10
N LEU B 233 18.65 -31.51 -16.98
CA LEU B 233 17.34 -32.11 -17.17
C LEU B 233 17.00 -32.99 -15.97
N GLU B 234 15.71 -33.15 -15.70
CA GLU B 234 15.25 -33.90 -14.54
C GLU B 234 14.00 -34.70 -14.89
N ASP B 235 13.62 -35.58 -13.97
CA ASP B 235 12.40 -36.38 -14.09
C ASP B 235 11.20 -35.60 -13.57
N ALA B 236 10.02 -36.18 -13.71
CA ALA B 236 8.83 -35.60 -13.09
C ALA B 236 8.93 -35.62 -11.58
N ASP B 237 9.61 -36.61 -11.01
CA ASP B 237 9.85 -36.68 -9.58
C ASP B 237 10.98 -35.76 -9.13
N GLY B 238 11.89 -35.40 -10.04
CA GLY B 238 12.97 -34.51 -9.73
C GLY B 238 14.36 -35.12 -9.78
N LYS B 239 14.49 -36.37 -10.21
CA LYS B 239 15.80 -37.01 -10.28
C LYS B 239 16.57 -36.47 -11.48
N PRO B 240 17.81 -36.02 -11.30
CA PRO B 240 18.56 -35.49 -12.44
C PRO B 240 18.86 -36.56 -13.46
N VAL B 241 18.78 -36.17 -14.73
CA VAL B 241 19.17 -37.04 -15.84
C VAL B 241 20.69 -36.97 -15.97
N GLU B 242 21.35 -38.13 -15.85
CA GLU B 242 22.80 -38.20 -15.94
C GLU B 242 23.28 -38.61 -17.33
N SER B 243 22.36 -38.90 -18.25
CA SER B 243 22.73 -39.11 -19.64
C SER B 243 23.16 -37.79 -20.27
N ASP B 244 23.78 -37.88 -21.45
CA ASP B 244 24.17 -36.70 -22.20
C ASP B 244 23.05 -36.19 -23.11
N LEU B 245 21.79 -36.37 -22.71
CA LEU B 245 20.67 -35.99 -23.56
C LEU B 245 20.65 -34.50 -23.83
N LEU B 246 20.95 -33.68 -22.81
CA LEU B 246 20.93 -32.24 -22.98
C LEU B 246 21.95 -31.79 -24.01
N GLN B 247 23.19 -32.30 -23.91
CA GLN B 247 24.20 -31.99 -24.92
C GLN B 247 23.77 -32.52 -26.29
N ARG B 248 23.16 -33.70 -26.34
CA ARG B 248 22.67 -34.22 -27.61
C ARG B 248 21.56 -33.35 -28.18
N LEU B 249 20.69 -32.83 -27.31
CA LEU B 249 19.66 -31.91 -27.76
C LEU B 249 20.25 -30.59 -28.24
N PHE B 250 21.25 -30.07 -27.53
CA PHE B 250 21.95 -28.87 -27.98
C PHE B 250 22.56 -29.08 -29.36
N GLU B 251 23.21 -30.23 -29.57
CA GLU B 251 23.88 -30.50 -30.83
C GLU B 251 22.88 -30.66 -31.98
N ALA B 252 21.75 -31.32 -31.71
CA ALA B 252 20.80 -31.62 -32.79
C ALA B 252 20.09 -30.36 -33.27
N THR B 253 19.80 -29.41 -32.37
CA THR B 253 19.08 -28.21 -32.73
C THR B 253 19.98 -27.09 -33.26
N GLY B 254 21.27 -27.34 -33.41
CA GLY B 254 22.16 -26.36 -34.00
C GLY B 254 22.76 -25.35 -33.05
N GLN B 255 22.71 -25.60 -31.74
CA GLN B 255 23.20 -24.64 -30.76
C GLN B 255 24.68 -24.78 -30.45
N LEU B 256 25.35 -25.81 -30.98
CA LEU B 256 26.77 -26.01 -30.75
C LEU B 256 27.60 -25.80 -32.01
N ASP B 257 27.01 -25.21 -33.04
CA ASP B 257 27.71 -24.94 -34.31
C ASP B 257 28.22 -23.51 -34.27
N ASP B 258 29.52 -23.35 -34.04
CA ASP B 258 30.12 -22.02 -33.99
C ASP B 258 30.38 -21.43 -35.37
N THR B 259 30.03 -22.15 -36.44
CA THR B 259 30.02 -21.56 -37.78
C THR B 259 28.69 -20.92 -38.12
N PHE B 260 27.63 -21.27 -37.38
CA PHE B 260 26.29 -20.71 -37.57
C PHE B 260 25.77 -20.97 -38.98
N THR B 261 26.17 -22.10 -39.57
CA THR B 261 25.67 -22.54 -40.87
C THR B 261 24.56 -23.58 -40.75
N HIS B 262 24.26 -24.06 -39.54
CA HIS B 262 23.22 -25.06 -39.33
C HIS B 262 21.91 -24.60 -39.95
N GLU B 263 21.12 -25.57 -40.44
CA GLU B 263 19.90 -25.25 -41.16
C GLU B 263 18.83 -24.62 -40.27
N ASN B 264 18.94 -24.78 -38.94
CA ASN B 264 17.97 -24.19 -38.03
C ASN B 264 18.18 -22.70 -37.80
N ILE B 265 19.33 -22.16 -38.20
CA ILE B 265 19.79 -20.85 -37.77
C ILE B 265 19.42 -19.81 -38.81
N HIS B 266 18.76 -18.74 -38.36
CA HIS B 266 18.51 -17.56 -39.16
C HIS B 266 19.34 -16.40 -38.63
N LEU B 267 19.98 -15.66 -39.53
CA LEU B 267 20.75 -14.47 -39.17
C LEU B 267 20.01 -13.26 -39.70
N PHE B 268 19.66 -12.34 -38.81
CA PHE B 268 18.94 -11.13 -39.17
C PHE B 268 19.81 -9.91 -38.85
N HIS B 269 19.95 -9.02 -39.83
CA HIS B 269 20.71 -7.78 -39.66
C HIS B 269 19.75 -6.61 -39.57
N PRO B 270 19.53 -6.03 -38.39
CA PRO B 270 18.61 -4.89 -38.29
C PRO B 270 19.17 -3.67 -39.00
N GLU B 271 18.26 -2.89 -39.59
CA GLU B 271 18.58 -1.60 -40.18
C GLU B 271 17.94 -0.49 -39.37
N GLN B 272 18.44 0.73 -39.55
CA GLN B 272 17.93 1.87 -38.81
C GLN B 272 16.43 2.05 -39.06
N GLY B 273 15.68 2.27 -37.99
CA GLY B 273 14.24 2.37 -38.07
C GLY B 273 13.51 1.06 -37.78
N ASP B 274 14.21 -0.07 -37.84
CA ASP B 274 13.59 -1.35 -37.53
C ASP B 274 13.19 -1.42 -36.06
N LEU B 275 12.07 -2.06 -35.79
CA LEU B 275 11.64 -2.40 -34.44
C LEU B 275 11.18 -3.85 -34.47
N LEU B 276 11.90 -4.72 -33.77
CA LEU B 276 11.66 -6.16 -33.83
C LEU B 276 10.75 -6.58 -32.69
N ILE B 277 9.75 -7.39 -33.00
CA ILE B 277 8.91 -8.06 -32.01
C ILE B 277 8.86 -9.54 -32.38
N TRP B 278 9.26 -10.41 -31.45
CA TRP B 278 9.37 -11.82 -31.79
C TRP B 278 8.81 -12.70 -30.69
N ASP B 279 8.66 -13.98 -31.03
CA ASP B 279 8.03 -14.99 -30.17
C ASP B 279 9.07 -15.49 -29.16
N ASN B 280 8.93 -15.08 -27.90
CA ASN B 280 9.87 -15.49 -26.86
C ASN B 280 9.57 -16.88 -26.31
N ARG B 281 8.50 -17.53 -26.76
CA ARG B 281 8.25 -18.92 -26.43
C ARG B 281 8.95 -19.86 -27.41
N SER B 282 8.81 -19.59 -28.70
CA SER B 282 9.33 -20.50 -29.72
C SER B 282 10.81 -20.25 -30.01
N LEU B 283 11.24 -18.99 -29.98
CA LEU B 283 12.56 -18.64 -30.46
C LEU B 283 13.58 -18.61 -29.33
N ILE B 284 14.78 -19.09 -29.63
CA ILE B 284 15.98 -18.72 -28.90
C ILE B 284 16.80 -17.83 -29.83
N HIS B 285 17.65 -17.00 -29.24
CA HIS B 285 18.40 -16.05 -30.04
C HIS B 285 19.78 -15.84 -29.43
N ARG B 286 20.62 -15.15 -30.19
CA ARG B 286 22.00 -14.92 -29.80
C ARG B 286 22.50 -13.68 -30.52
N ALA B 287 23.03 -12.72 -29.75
CA ALA B 287 23.48 -11.47 -30.33
C ALA B 287 24.76 -11.66 -31.13
N LEU B 288 24.85 -10.97 -32.26
CA LEU B 288 26.07 -10.88 -33.05
C LEU B 288 26.60 -9.45 -32.96
N HIS B 289 27.80 -9.29 -32.41
CA HIS B 289 28.39 -7.98 -32.20
C HIS B 289 29.77 -7.93 -32.84
N THR B 290 30.24 -6.71 -33.09
CA THR B 290 31.61 -6.53 -33.53
C THR B 290 32.58 -6.85 -32.40
N THR B 291 33.82 -7.11 -32.76
CA THR B 291 34.91 -7.27 -31.80
C THR B 291 35.69 -5.97 -31.64
N THR B 292 34.96 -4.86 -31.57
CA THR B 292 35.50 -3.51 -31.57
C THR B 292 34.71 -2.67 -30.57
N PRO B 293 35.26 -1.52 -30.16
CA PRO B 293 34.49 -0.64 -29.27
C PRO B 293 33.49 0.25 -30.00
N GLU B 294 33.14 -0.09 -31.24
CA GLU B 294 32.26 0.75 -32.04
C GLU B 294 30.91 0.89 -31.34
N PRO B 295 30.32 2.09 -31.35
CA PRO B 295 29.06 2.31 -30.62
C PRO B 295 27.94 1.41 -31.13
N VAL B 296 27.23 0.78 -30.19
CA VAL B 296 26.06 -0.04 -30.51
C VAL B 296 25.09 0.06 -29.33
N VAL B 297 23.84 0.38 -29.63
CA VAL B 297 22.83 0.63 -28.60
C VAL B 297 21.51 0.03 -29.05
N SER B 298 20.87 -0.75 -28.18
CA SER B 298 19.56 -1.33 -28.43
C SER B 298 18.70 -1.20 -27.19
N PHE B 299 17.43 -0.87 -27.41
CA PHE B 299 16.45 -0.72 -26.33
C PHE B 299 15.48 -1.89 -26.37
N ARG B 300 15.28 -2.53 -25.22
CA ARG B 300 14.42 -3.70 -25.14
C ARG B 300 13.24 -3.45 -24.22
N VAL B 301 12.06 -3.89 -24.66
CA VAL B 301 10.85 -3.93 -23.86
C VAL B 301 10.30 -5.34 -23.94
N THR B 302 9.90 -5.90 -22.80
CA THR B 302 9.42 -7.28 -22.73
C THR B 302 8.07 -7.29 -22.05
N VAL B 303 7.07 -7.87 -22.71
CA VAL B 303 5.68 -7.80 -22.25
C VAL B 303 5.09 -9.20 -22.16
N HIS B 304 4.22 -9.38 -21.16
CA HIS B 304 3.37 -10.56 -21.10
C HIS B 304 2.22 -10.40 -22.09
N ASP B 305 1.93 -11.44 -22.84
CA ASP B 305 0.74 -11.42 -23.67
C ASP B 305 -0.47 -11.78 -22.80
N GLU B 306 -1.43 -12.51 -23.36
CA GLU B 306 -2.62 -12.88 -22.61
C GLU B 306 -2.51 -14.24 -21.94
N HIS B 307 -1.41 -14.96 -22.17
CA HIS B 307 -1.18 -16.27 -21.57
C HIS B 307 0.15 -16.27 -20.83
N LYS B 308 0.37 -17.29 -20.02
CA LYS B 308 1.67 -17.53 -19.44
C LYS B 308 2.48 -18.40 -20.42
N LEU B 309 3.60 -18.96 -19.95
CA LEU B 309 4.49 -19.70 -20.84
C LEU B 309 3.72 -20.80 -21.60
N TYR B 310 3.02 -21.64 -20.85
CA TYR B 310 2.06 -22.59 -21.40
C TYR B 310 0.83 -22.55 -20.51
N ASP B 311 -0.30 -22.98 -21.05
CA ASP B 311 -1.54 -22.97 -20.29
C ASP B 311 -1.54 -24.13 -19.30
N GLY B 312 -1.60 -23.80 -18.01
CA GLY B 312 -1.62 -24.81 -16.97
C GLY B 312 -0.35 -24.85 -16.13
N MET B 313 0.03 -23.72 -15.54
CA MET B 313 1.22 -23.66 -14.71
C MET B 313 0.87 -23.69 -13.23
N MET C 21 -11.35 -26.80 -2.35
CA MET C 21 -9.99 -26.73 -1.83
C MET C 21 -9.22 -28.02 -2.08
N GLU C 22 -7.99 -27.89 -2.55
CA GLU C 22 -7.15 -29.03 -2.87
C GLU C 22 -5.76 -28.85 -2.27
N ILE C 23 -5.23 -29.92 -1.68
CA ILE C 23 -3.91 -29.93 -1.07
C ILE C 23 -3.04 -30.89 -1.86
N LYS C 24 -1.89 -30.39 -2.34
CA LYS C 24 -0.98 -31.19 -3.14
C LYS C 24 0.43 -31.06 -2.62
N ALA C 25 1.14 -32.19 -2.55
CA ALA C 25 2.57 -32.16 -2.35
C ALA C 25 3.25 -31.57 -3.60
N GLN C 26 4.54 -31.27 -3.49
CA GLN C 26 5.25 -30.52 -4.51
C GLN C 26 6.34 -31.35 -5.19
N SER C 27 6.09 -32.65 -5.35
CA SER C 27 6.96 -33.58 -6.05
C SER C 27 8.42 -33.49 -5.62
N SER C 29 9.82 -34.15 -3.05
CA SER C 29 10.16 -33.58 -1.76
C SER C 29 9.03 -33.77 -0.75
N SER C 30 9.33 -34.48 0.33
CA SER C 30 8.39 -34.69 1.42
C SER C 30 8.22 -33.45 2.30
N PHE C 31 8.84 -32.34 1.95
CA PHE C 31 8.78 -31.10 2.72
C PHE C 31 7.94 -30.10 1.94
N GLY C 32 6.80 -29.72 2.50
CA GLY C 32 6.01 -28.67 1.90
C GLY C 32 4.77 -29.20 1.20
N ALA C 33 3.73 -28.37 1.20
CA ALA C 33 2.50 -28.67 0.48
C ALA C 33 1.83 -27.35 0.15
N SER C 34 1.19 -27.29 -1.02
CA SER C 34 0.45 -26.11 -1.45
C SER C 34 -1.04 -26.36 -1.29
N VAL C 35 -1.76 -25.32 -0.90
CA VAL C 35 -3.21 -25.38 -0.69
C VAL C 35 -3.84 -24.45 -1.72
N GLU C 36 -4.56 -25.03 -2.66
CA GLU C 36 -5.24 -24.26 -3.72
C GLU C 36 -6.73 -24.16 -3.41
N GLY C 37 -7.33 -23.07 -3.86
CA GLY C 37 -8.76 -22.89 -3.70
C GLY C 37 -9.23 -22.64 -2.28
N PHE C 38 -8.36 -22.07 -1.45
CA PHE C 38 -8.74 -21.75 -0.07
C PHE C 38 -9.23 -20.31 0.01
N ASP C 39 -10.44 -20.13 0.52
CA ASP C 39 -11.01 -18.81 0.79
C ASP C 39 -11.48 -18.84 2.24
N HIS C 40 -10.80 -18.07 3.10
CA HIS C 40 -11.10 -18.11 4.53
C HIS C 40 -12.51 -17.61 4.83
N THR C 41 -13.14 -16.88 3.92
CA THR C 41 -14.50 -16.42 4.13
C THR C 41 -15.53 -17.52 3.87
N THR C 42 -15.18 -18.55 3.10
CA THR C 42 -16.10 -19.62 2.75
C THR C 42 -15.61 -21.00 3.14
N ALA C 43 -14.38 -21.12 3.66
CA ALA C 43 -13.84 -22.41 4.02
C ALA C 43 -14.59 -23.02 5.20
N THR C 44 -14.70 -24.34 5.19
CA THR C 44 -15.40 -25.07 6.24
C THR C 44 -14.42 -25.53 7.31
N ALA C 45 -14.99 -26.01 8.44
CA ALA C 45 -14.16 -26.52 9.52
C ALA C 45 -13.35 -27.73 9.09
N GLU C 46 -13.86 -28.52 8.14
CA GLU C 46 -13.10 -29.66 7.64
C GLU C 46 -11.94 -29.21 6.77
N ASP C 47 -12.09 -28.09 6.04
CA ASP C 47 -10.97 -27.53 5.31
C ASP C 47 -9.87 -27.07 6.26
N ILE C 48 -10.25 -26.38 7.34
CA ILE C 48 -9.27 -25.89 8.30
C ILE C 48 -8.54 -27.05 8.95
N LYS C 49 -9.26 -28.12 9.30
CA LYS C 49 -8.61 -29.25 9.94
C LYS C 49 -7.73 -30.03 8.96
N ALA C 50 -8.13 -30.11 7.70
CA ALA C 50 -7.27 -30.74 6.70
C ALA C 50 -5.98 -29.95 6.52
N ILE C 51 -6.05 -28.62 6.57
CA ILE C 51 -4.85 -27.80 6.47
C ILE C 51 -3.98 -27.97 7.71
N LYS C 52 -4.60 -27.99 8.89
CA LYS C 52 -3.86 -28.19 10.12
C LYS C 52 -3.09 -29.51 10.09
N GLU C 53 -3.77 -30.60 9.71
CA GLU C 53 -3.10 -31.89 9.62
C GLU C 53 -1.93 -31.86 8.66
N THR C 54 -2.06 -31.11 7.56
CA THR C 54 -0.97 -31.00 6.60
C THR C 54 0.19 -30.20 7.17
N ILE C 55 -0.11 -29.16 7.96
CA ILE C 55 0.94 -28.35 8.57
C ILE C 55 1.80 -29.19 9.50
N TYR C 56 1.17 -29.96 10.38
CA TYR C 56 1.95 -30.76 11.33
C TYR C 56 2.71 -31.90 10.65
N THR C 57 2.29 -32.33 9.46
CA THR C 57 2.93 -33.43 8.75
C THR C 57 3.95 -32.94 7.72
N LYS C 58 3.54 -32.06 6.81
CA LYS C 58 4.44 -31.53 5.79
C LYS C 58 5.22 -30.31 6.25
N LYS C 59 4.97 -29.84 7.49
CA LYS C 59 5.76 -28.82 8.17
C LYS C 59 5.49 -27.41 7.66
N ILE C 60 5.11 -27.25 6.39
CA ILE C 60 4.78 -25.92 5.87
C ILE C 60 3.68 -26.07 4.82
N ALA C 61 2.63 -25.26 4.95
CA ALA C 61 1.51 -25.23 4.01
C ALA C 61 1.48 -23.88 3.33
N VAL C 62 1.53 -23.88 2.00
CA VAL C 62 1.58 -22.66 1.20
C VAL C 62 0.17 -22.42 0.65
N LEU C 63 -0.53 -21.45 1.23
CA LEU C 63 -1.84 -21.05 0.72
C LEU C 63 -1.65 -20.20 -0.53
N LYS C 64 -2.20 -20.65 -1.66
CA LYS C 64 -1.98 -20.00 -2.93
C LYS C 64 -3.08 -18.98 -3.22
N GLY C 65 -2.71 -17.93 -3.94
CA GLY C 65 -3.68 -16.97 -4.45
C GLY C 65 -4.46 -16.23 -3.40
N GLN C 66 -3.86 -15.95 -2.25
CA GLN C 66 -4.51 -15.15 -1.23
C GLN C 66 -4.49 -13.68 -1.62
N ASP C 67 -5.60 -12.98 -1.34
CA ASP C 67 -5.75 -11.56 -1.66
C ASP C 67 -6.47 -10.93 -0.46
N LEU C 68 -5.70 -10.42 0.49
CA LEU C 68 -6.22 -10.04 1.79
C LEU C 68 -5.72 -8.66 2.21
N THR C 69 -6.60 -7.88 2.82
CA THR C 69 -6.22 -6.69 3.55
C THR C 69 -5.62 -7.09 4.89
N PRO C 70 -5.03 -6.15 5.63
CA PRO C 70 -4.56 -6.50 6.99
C PRO C 70 -5.66 -7.08 7.87
N ALA C 71 -6.87 -6.53 7.81
CA ALA C 71 -7.95 -7.02 8.65
C ALA C 71 -8.37 -8.43 8.26
N GLN C 72 -8.49 -8.70 6.96
CA GLN C 72 -8.87 -10.04 6.50
C GLN C 72 -7.78 -11.06 6.81
N TYR C 73 -6.51 -10.65 6.74
CA TYR C 73 -5.42 -11.55 7.09
C TYR C 73 -5.50 -11.97 8.56
N LEU C 74 -5.83 -11.02 9.45
CA LEU C 74 -5.97 -11.35 10.85
C LEU C 74 -7.16 -12.27 11.09
N GLU C 75 -8.26 -12.05 10.35
CA GLU C 75 -9.40 -12.96 10.44
C GLU C 75 -9.01 -14.36 10.01
N LEU C 76 -8.20 -14.47 8.95
CA LEU C 76 -7.70 -15.78 8.53
C LEU C 76 -6.90 -16.45 9.63
N GLY C 77 -6.00 -15.71 10.28
CA GLY C 77 -5.17 -16.30 11.31
C GLY C 77 -5.96 -16.77 12.52
N LYS C 78 -7.04 -16.07 12.88
CA LYS C 78 -7.84 -16.46 14.02
C LYS C 78 -8.57 -17.79 13.79
N MET C 79 -8.77 -18.19 12.53
CA MET C 79 -9.34 -19.49 12.24
C MET C 79 -8.37 -20.63 12.56
N PHE C 80 -7.09 -20.33 12.76
CA PHE C 80 -6.09 -21.35 13.05
C PHE C 80 -5.69 -21.40 14.52
N GLY C 81 -6.11 -20.43 15.32
CA GLY C 81 -5.86 -20.48 16.75
C GLY C 81 -6.00 -19.11 17.38
N ARG C 82 -5.35 -18.96 18.54
CA ARG C 82 -5.40 -17.73 19.32
C ARG C 82 -4.14 -16.91 19.06
N PRO C 83 -4.23 -15.75 18.43
CA PRO C 83 -3.02 -15.01 18.08
C PRO C 83 -2.28 -14.47 19.31
N VAL C 84 -0.95 -14.49 19.23
CA VAL C 84 -0.07 -13.97 20.26
C VAL C 84 0.52 -12.66 19.75
N VAL C 85 0.52 -11.64 20.60
CA VAL C 85 1.07 -10.32 20.26
C VAL C 85 2.54 -10.31 20.63
N TYR C 86 3.39 -9.93 19.68
CA TYR C 86 4.82 -9.88 19.93
C TYR C 86 5.12 -8.89 21.04
N TYR C 87 6.01 -9.27 21.96
CA TYR C 87 6.20 -8.52 23.20
C TYR C 87 6.78 -7.14 22.94
N GLU C 88 7.71 -7.03 22.00
CA GLU C 88 8.32 -5.74 21.69
C GLU C 88 7.42 -4.96 20.73
N PRO C 89 6.88 -3.82 21.15
CA PRO C 89 5.91 -3.10 20.30
C PRO C 89 6.52 -2.47 19.06
N MET C 90 7.84 -2.41 18.95
CA MET C 90 8.49 -1.80 17.79
C MET C 90 8.09 -2.49 16.49
N TYR C 91 7.82 -3.78 16.54
CA TYR C 91 7.47 -4.56 15.36
C TYR C 91 5.99 -4.49 15.01
N LYS C 92 5.17 -3.80 15.80
CA LYS C 92 3.72 -3.87 15.64
C LYS C 92 3.24 -3.16 14.38
N HIS C 93 2.22 -3.74 13.75
CA HIS C 93 1.49 -3.04 12.70
C HIS C 93 0.72 -1.87 13.33
N PRO C 94 0.61 -0.74 12.62
CA PRO C 94 -0.01 0.44 13.24
C PRO C 94 -1.45 0.24 13.70
N GLU C 95 -2.27 -0.53 12.97
CA GLU C 95 -3.67 -0.66 13.34
C GLU C 95 -4.06 -2.04 13.86
N PHE C 96 -3.23 -3.06 13.68
CA PHE C 96 -3.49 -4.39 14.22
C PHE C 96 -2.22 -4.87 14.93
N GLU C 97 -2.22 -4.80 16.26
CA GLU C 97 -1.03 -5.15 17.03
C GLU C 97 -0.69 -6.63 16.87
N GLU C 98 -1.65 -7.48 16.52
CA GLU C 98 -1.38 -8.89 16.30
C GLU C 98 -0.46 -9.12 15.11
N ILE C 99 -0.32 -8.14 14.23
CA ILE C 99 0.50 -8.29 13.04
C ILE C 99 1.91 -7.81 13.34
N PHE C 100 2.87 -8.71 13.15
CA PHE C 100 4.29 -8.43 13.27
C PHE C 100 4.81 -8.06 11.88
N VAL C 101 5.41 -6.88 11.76
CA VAL C 101 5.79 -6.32 10.46
C VAL C 101 7.30 -6.39 10.30
N SER C 102 7.74 -7.02 9.21
CA SER C 102 9.14 -7.02 8.80
C SER C 102 9.24 -6.19 7.52
N SER C 103 9.93 -5.05 7.60
CA SER C 103 9.98 -4.13 6.49
C SER C 103 11.31 -3.38 6.47
N ASN C 104 11.84 -3.17 5.26
CA ASN C 104 13.03 -2.34 5.06
C ASN C 104 12.69 -1.03 4.35
N VAL C 105 11.41 -0.64 4.35
CA VAL C 105 10.96 0.60 3.75
C VAL C 105 10.89 1.65 4.86
N PRO C 106 11.74 2.70 4.82
CA PRO C 106 11.68 3.78 5.80
C PRO C 106 10.41 4.63 5.66
N GLN C 111 9.25 4.95 9.58
CA GLN C 111 9.53 3.52 9.43
C GLN C 111 8.56 2.69 10.28
N ILE C 112 7.84 1.78 9.63
CA ILE C 112 7.03 0.79 10.32
C ILE C 112 7.67 -0.58 10.10
N GLY C 113 7.56 -1.43 11.11
CA GLY C 113 8.27 -2.69 11.09
C GLY C 113 9.74 -2.50 11.36
N VAL C 114 10.48 -3.60 11.20
CA VAL C 114 11.91 -3.61 11.51
C VAL C 114 12.66 -4.22 10.33
N PRO C 115 13.78 -3.65 9.91
CA PRO C 115 14.54 -4.20 8.78
C PRO C 115 15.52 -5.29 9.21
N LYS C 116 15.89 -6.11 8.22
CA LYS C 116 16.94 -7.11 8.36
C LYS C 116 16.68 -8.05 9.54
N THR C 117 15.45 -8.54 9.62
CA THR C 117 15.05 -9.41 10.72
C THR C 117 15.34 -10.87 10.40
N GLY C 118 15.62 -11.64 11.44
CA GLY C 118 15.73 -13.08 11.32
C GLY C 118 16.93 -13.58 10.53
N LYS C 119 18.04 -12.85 10.54
CA LYS C 119 19.23 -13.31 9.81
C LYS C 119 20.03 -14.26 10.71
N PHE C 120 19.37 -15.28 11.23
CA PHE C 120 19.94 -16.25 12.16
C PHE C 120 18.95 -17.39 12.33
N TRP C 121 19.47 -18.61 12.44
CA TRP C 121 18.59 -19.75 12.68
C TRP C 121 17.86 -19.57 14.00
N HIS C 122 16.54 -19.74 13.96
CA HIS C 122 15.75 -19.61 15.18
C HIS C 122 14.37 -20.21 14.98
N ALA C 123 13.77 -20.61 16.10
CA ALA C 123 12.35 -20.90 16.18
C ALA C 123 11.67 -19.74 16.88
N ASP C 124 10.46 -19.40 16.44
CA ASP C 124 9.82 -18.20 16.92
C ASP C 124 9.38 -18.36 18.37
N TYR C 125 9.69 -17.34 19.18
CA TYR C 125 9.41 -17.30 20.62
C TYR C 125 10.09 -18.44 21.38
N GLN C 126 11.17 -18.98 20.83
CA GLN C 126 11.95 -20.00 21.53
C GLN C 126 12.54 -19.46 22.82
N PHE C 127 12.76 -18.15 22.91
CA PHE C 127 13.29 -17.50 24.11
C PHE C 127 12.20 -17.16 25.12
N MET C 128 10.95 -17.59 24.88
CA MET C 128 9.83 -17.25 25.73
C MET C 128 9.28 -18.49 26.44
N PRO C 129 8.64 -18.32 27.60
CA PRO C 129 8.20 -19.51 28.36
C PRO C 129 7.14 -20.33 27.65
N ASP C 130 6.28 -19.72 26.86
CA ASP C 130 5.11 -20.38 26.27
C ASP C 130 5.11 -20.23 24.75
N PRO C 131 5.99 -20.95 24.05
CA PRO C 131 6.04 -20.82 22.59
C PRO C 131 4.77 -21.34 21.93
N PHE C 132 4.37 -20.66 20.87
CA PHE C 132 3.19 -21.02 20.08
C PHE C 132 3.56 -22.03 19.00
N GLY C 133 2.54 -22.73 18.51
CA GLY C 133 2.76 -23.82 17.59
C GLY C 133 2.77 -23.47 16.11
N LEU C 134 2.11 -22.38 15.73
CA LEU C 134 1.94 -22.05 14.31
C LEU C 134 2.36 -20.62 14.03
N THR C 135 3.11 -20.44 12.94
CA THR C 135 3.52 -19.13 12.47
C THR C 135 2.97 -18.91 11.08
N LEU C 136 2.37 -17.75 10.85
CA LEU C 136 1.83 -17.37 9.55
C LEU C 136 2.62 -16.20 8.99
N ILE C 137 2.99 -16.28 7.72
CA ILE C 137 3.71 -15.22 7.04
C ILE C 137 2.97 -14.87 5.76
N TYR C 138 2.68 -13.57 5.58
CA TYR C 138 1.96 -13.07 4.41
C TYR C 138 2.78 -11.97 3.76
N PRO C 139 3.60 -12.30 2.76
CA PRO C 139 4.41 -11.28 2.10
C PRO C 139 3.54 -10.23 1.44
N GLN C 140 3.93 -8.96 1.58
CA GLN C 140 3.23 -7.84 0.99
C GLN C 140 3.90 -7.31 -0.27
N VAL C 141 5.22 -7.19 -0.26
CA VAL C 141 5.99 -6.70 -1.40
C VAL C 141 7.06 -7.74 -1.70
N ILE C 142 6.88 -8.48 -2.79
CA ILE C 142 7.84 -9.51 -3.20
C ILE C 142 8.64 -8.96 -4.38
N PRO C 143 9.92 -8.67 -4.21
CA PRO C 143 10.73 -8.24 -5.36
C PRO C 143 10.95 -9.38 -6.33
N GLN C 144 11.35 -9.01 -7.56
CA GLN C 144 11.73 -10.03 -8.53
C GLN C 144 12.98 -10.78 -8.06
N LYS C 145 13.90 -10.08 -7.41
CA LYS C 145 14.98 -10.74 -6.70
C LYS C 145 14.37 -11.41 -5.47
N ASN C 146 14.04 -12.69 -5.61
CA ASN C 146 13.19 -13.37 -4.63
C ASN C 146 13.83 -13.35 -3.25
N ARG C 147 13.02 -13.07 -2.24
CA ARG C 147 13.44 -13.03 -0.84
C ARG C 147 12.76 -14.21 -0.15
N GLY C 148 13.41 -15.37 -0.20
CA GLY C 148 12.88 -16.58 0.38
C GLY C 148 13.31 -16.78 1.82
N THR C 149 13.04 -17.99 2.32
CA THR C 149 13.32 -18.33 3.71
C THR C 149 13.90 -19.74 3.78
N TYR C 150 14.95 -19.89 4.57
CA TYR C 150 15.54 -21.21 4.82
C TYR C 150 14.80 -21.91 5.95
N TYR C 151 14.77 -23.24 5.88
CA TYR C 151 14.11 -24.05 6.91
C TYR C 151 14.94 -25.30 7.18
N ILE C 152 14.89 -25.73 8.44
CA ILE C 152 15.42 -27.02 8.86
C ILE C 152 14.37 -27.67 9.77
N ASP C 153 14.01 -28.92 9.46
CA ASP C 153 13.13 -29.71 10.30
C ASP C 153 13.95 -30.32 11.43
N MET C 154 13.81 -29.79 12.64
CA MET C 154 14.61 -30.26 13.76
C MET C 154 14.17 -31.61 14.29
N GLY C 155 13.05 -32.14 13.82
CA GLY C 155 12.68 -33.51 14.12
C GLY C 155 13.47 -34.48 13.27
N LYS C 156 13.52 -34.22 11.96
CA LYS C 156 14.35 -35.03 11.08
C LYS C 156 15.83 -34.81 11.33
N ALA C 157 16.22 -33.60 11.75
CA ALA C 157 17.60 -33.35 12.12
C ALA C 157 18.02 -34.25 13.29
N TYR C 158 17.11 -34.45 14.26
CA TYR C 158 17.42 -35.36 15.36
C TYR C 158 17.56 -36.79 14.88
N GLU C 159 16.65 -37.24 14.00
CA GLU C 159 16.69 -38.64 13.55
C GLU C 159 17.94 -38.95 12.76
N ARG C 160 18.50 -37.96 12.05
CA ARG C 160 19.70 -38.16 11.26
C ARG C 160 20.98 -38.04 12.09
N LEU C 161 20.87 -37.71 13.38
CA LEU C 161 22.04 -37.64 14.23
C LEU C 161 22.66 -39.03 14.42
N PRO C 162 23.97 -39.10 14.55
CA PRO C 162 24.58 -40.37 14.97
C PRO C 162 24.05 -40.81 16.31
N GLN C 163 24.05 -42.13 16.54
CA GLN C 163 23.43 -42.67 17.74
C GLN C 163 24.07 -42.13 19.01
N GLU C 164 25.40 -41.99 19.02
CA GLU C 164 26.07 -41.48 20.21
C GLU C 164 25.70 -40.02 20.48
N LEU C 165 25.47 -39.23 19.43
CA LEU C 165 25.00 -37.87 19.65
C LEU C 165 23.60 -37.87 20.23
N LYS C 166 22.75 -38.80 19.79
CA LYS C 166 21.44 -38.96 20.42
C LYS C 166 21.57 -39.33 21.89
N ASP C 167 22.58 -40.15 22.23
CA ASP C 167 22.78 -40.54 23.62
C ASP C 167 23.19 -39.36 24.47
N GLU C 168 24.07 -38.49 23.96
CA GLU C 168 24.49 -37.30 24.68
C GLU C 168 23.33 -36.35 24.97
N VAL C 169 22.24 -36.46 24.21
CA VAL C 169 21.18 -35.47 24.27
C VAL C 169 20.09 -35.84 25.27
N ALA C 170 19.86 -37.13 25.49
CA ALA C 170 18.76 -37.57 26.35
C ALA C 170 18.92 -37.02 27.76
N GLY C 171 17.83 -36.45 28.29
CA GLY C 171 17.80 -35.95 29.64
C GLY C 171 18.26 -34.53 29.83
N LEU C 172 18.89 -33.92 28.83
CA LEU C 172 19.42 -32.58 29.00
C LEU C 172 18.34 -31.52 28.81
N TYR C 173 18.70 -30.27 29.08
CA TYR C 173 17.81 -29.13 28.91
C TYR C 173 18.50 -28.07 28.07
N GLY C 174 17.70 -27.34 27.29
CA GLY C 174 18.18 -26.21 26.51
C GLY C 174 17.83 -24.91 27.21
N VAL C 175 18.77 -23.97 27.20
CA VAL C 175 18.58 -22.64 27.75
C VAL C 175 18.50 -21.66 26.59
N HIS C 176 17.42 -20.89 26.53
CA HIS C 176 17.11 -20.04 25.38
C HIS C 176 16.93 -18.61 25.83
N SER C 177 17.56 -17.68 25.11
CA SER C 177 17.53 -16.27 25.48
C SER C 177 17.53 -15.42 24.22
N VAL C 178 16.87 -14.26 24.32
CA VAL C 178 16.85 -13.29 23.22
C VAL C 178 18.05 -12.34 23.28
N ARG C 179 18.93 -12.49 24.27
CA ARG C 179 19.95 -11.47 24.54
C ARG C 179 21.00 -11.36 23.44
N LYS C 180 21.03 -12.28 22.48
CA LYS C 180 22.05 -12.19 21.44
C LYS C 180 21.56 -11.44 20.21
N TYR C 181 20.30 -11.65 19.80
CA TYR C 181 19.77 -11.00 18.62
C TYR C 181 18.66 -10.00 18.94
N PHE C 182 18.61 -9.52 20.19
CA PHE C 182 17.77 -8.37 20.51
C PHE C 182 18.23 -7.17 19.69
N LYS C 183 17.27 -6.53 19.02
CA LYS C 183 17.60 -5.44 18.10
C LYS C 183 17.54 -4.10 18.82
N ILE C 184 18.57 -3.27 18.61
CA ILE C 184 18.59 -1.94 19.19
C ILE C 184 17.45 -1.12 18.61
N ARG C 185 16.72 -0.44 19.48
CA ARG C 185 15.56 0.37 19.13
C ARG C 185 15.94 1.85 19.10
N PRO C 186 15.15 2.68 18.40
CA PRO C 186 15.50 4.12 18.32
C PRO C 186 15.58 4.80 19.67
N HIS C 187 14.80 4.37 20.65
CA HIS C 187 14.87 4.96 21.98
C HIS C 187 16.01 4.40 22.82
N ASP C 188 16.85 3.53 22.26
CA ASP C 188 18.04 3.05 22.95
C ASP C 188 19.26 3.94 22.72
N VAL C 189 19.20 4.86 21.76
CA VAL C 189 20.36 5.67 21.42
C VAL C 189 20.79 6.50 22.62
N TYR C 190 22.10 6.54 22.85
CA TYR C 190 22.82 7.26 23.91
C TYR C 190 22.70 6.56 25.26
N ARG C 191 21.95 5.45 25.37
CA ARG C 191 21.97 4.68 26.60
C ARG C 191 23.26 3.86 26.69
N PRO C 192 23.80 3.67 27.88
CA PRO C 192 24.90 2.71 28.06
C PRO C 192 24.40 1.29 27.79
N ILE C 193 25.24 0.49 27.12
CA ILE C 193 24.79 -0.79 26.61
C ILE C 193 24.45 -1.75 27.75
N SER C 194 25.13 -1.63 28.89
CA SER C 194 24.86 -2.54 30.01
C SER C 194 23.47 -2.33 30.58
N GLU C 195 22.90 -1.13 30.46
CA GLU C 195 21.54 -0.92 30.92
C GLU C 195 20.52 -1.62 30.03
N ILE C 196 20.82 -1.75 28.73
CA ILE C 196 19.92 -2.48 27.84
C ILE C 196 19.98 -3.98 28.14
N LEU C 197 21.18 -4.49 28.40
CA LEU C 197 21.31 -5.90 28.76
C LEU C 197 20.56 -6.21 30.05
N THR C 198 20.65 -5.30 31.03
CA THR C 198 19.88 -5.47 32.26
C THR C 198 18.38 -5.46 31.97
N GLU C 199 17.93 -4.55 31.11
CA GLU C 199 16.51 -4.50 30.75
C GLU C 199 16.08 -5.78 30.06
N ILE C 200 16.94 -6.34 29.20
CA ILE C 200 16.62 -7.61 28.53
C ILE C 200 16.45 -8.72 29.56
N GLU C 201 17.34 -8.76 30.56
CA GLU C 201 17.28 -9.81 31.57
C GLU C 201 16.00 -9.73 32.40
N GLU C 202 15.53 -8.52 32.70
CA GLU C 202 14.34 -8.40 33.52
C GLU C 202 13.07 -8.68 32.73
N HIS C 203 12.97 -8.18 31.50
CA HIS C 203 11.75 -8.36 30.73
C HIS C 203 11.64 -9.75 30.12
N THR C 204 12.75 -10.27 29.60
CA THR C 204 12.77 -11.57 28.91
C THR C 204 13.96 -12.39 29.40
N PRO C 205 13.89 -12.92 30.61
CA PRO C 205 14.99 -13.74 31.13
C PRO C 205 15.12 -15.04 30.36
N PRO C 206 16.26 -15.72 30.46
CA PRO C 206 16.41 -17.00 29.79
C PRO C 206 15.35 -18.01 30.24
N VAL C 207 15.06 -18.96 29.35
CA VAL C 207 13.98 -19.93 29.56
C VAL C 207 14.54 -21.32 29.29
N ARG C 208 14.18 -22.27 30.15
CA ARG C 208 14.57 -23.66 30.00
C ARG C 208 13.48 -24.47 29.33
N GLN C 209 13.87 -25.37 28.44
CA GLN C 209 13.00 -26.39 27.87
C GLN C 209 13.82 -27.68 27.79
N PRO C 210 13.14 -28.83 27.80
CA PRO C 210 13.87 -30.09 27.58
C PRO C 210 14.57 -30.07 26.23
N LEU C 211 15.77 -30.65 26.18
CA LEU C 211 16.54 -30.64 24.95
C LEU C 211 15.79 -31.30 23.80
N THR C 212 15.04 -32.37 24.10
CA THR C 212 14.14 -32.98 23.14
C THR C 212 12.75 -33.08 23.75
N PHE C 213 11.74 -33.09 22.90
CA PHE C 213 10.38 -33.28 23.39
C PHE C 213 9.57 -34.01 22.33
N LYS C 214 8.46 -34.58 22.79
CA LYS C 214 7.53 -35.30 21.93
C LYS C 214 6.55 -34.31 21.31
N HIS C 215 6.54 -34.24 19.99
CA HIS C 215 5.61 -33.38 19.27
C HIS C 215 4.18 -33.75 19.65
N PRO C 216 3.40 -32.83 20.22
CA PRO C 216 2.07 -33.20 20.75
C PRO C 216 1.05 -33.52 19.67
N LEU C 217 1.36 -33.29 18.40
CA LEU C 217 0.45 -33.62 17.30
C LEU C 217 0.87 -34.85 16.53
N THR C 218 2.18 -35.09 16.38
CA THR C 218 2.69 -36.17 15.56
C THR C 218 3.45 -37.24 16.32
N GLY C 219 3.86 -36.97 17.55
CA GLY C 219 4.60 -37.95 18.34
C GLY C 219 6.08 -38.05 18.03
N GLU C 220 6.60 -37.28 17.08
CA GLU C 220 8.01 -37.38 16.76
C GLU C 220 8.85 -36.64 17.80
N THR C 221 10.15 -36.94 17.80
CA THR C 221 11.09 -36.32 18.73
C THR C 221 11.74 -35.12 18.04
N VAL C 222 11.64 -33.95 18.68
CA VAL C 222 12.17 -32.71 18.15
C VAL C 222 13.38 -32.28 18.98
N LEU C 223 14.50 -32.02 18.31
CA LEU C 223 15.67 -31.44 18.96
C LEU C 223 15.49 -29.92 18.95
N TYR C 224 15.13 -29.37 20.10
CA TYR C 224 14.66 -27.97 20.20
C TYR C 224 15.82 -27.05 20.55
N ILE C 225 16.64 -26.74 19.54
CA ILE C 225 17.72 -25.77 19.66
C ILE C 225 17.77 -24.91 18.41
N SER C 226 18.37 -23.73 18.56
CA SER C 226 18.64 -22.86 17.42
C SER C 226 19.84 -21.99 17.74
N GLU C 227 20.68 -21.77 16.72
CA GLU C 227 21.88 -20.95 16.90
C GLU C 227 21.54 -19.56 17.41
N GLY C 228 20.41 -19.01 16.99
CA GLY C 228 20.04 -17.66 17.37
C GLY C 228 19.63 -17.47 18.82
N PHE C 229 18.92 -18.45 19.40
CA PHE C 229 18.32 -18.29 20.71
C PHE C 229 18.85 -19.23 21.78
N THR C 230 19.37 -20.40 21.42
CA THR C 230 19.84 -21.37 22.41
C THR C 230 21.26 -21.00 22.82
N VAL C 231 21.42 -20.55 24.07
CA VAL C 231 22.71 -20.05 24.56
C VAL C 231 23.49 -21.10 25.35
N GLY C 232 22.87 -22.21 25.74
CA GLY C 232 23.60 -23.23 26.47
C GLY C 232 22.72 -24.43 26.73
N LEU C 233 23.35 -25.47 27.28
CA LEU C 233 22.70 -26.69 27.70
C LEU C 233 22.86 -26.89 29.19
N GLU C 234 21.96 -27.66 29.79
CA GLU C 234 22.00 -27.89 31.22
C GLU C 234 21.80 -29.37 31.53
N ASP C 235 22.40 -29.80 32.65
CA ASP C 235 22.27 -31.16 33.13
C ASP C 235 20.82 -31.48 33.48
N ALA C 236 20.55 -32.76 33.69
CA ALA C 236 19.27 -33.16 34.28
C ALA C 236 19.11 -32.59 35.68
N ASP C 237 20.21 -32.29 36.37
CA ASP C 237 20.16 -31.64 37.67
C ASP C 237 19.98 -30.13 37.57
N GLY C 238 20.32 -29.54 36.42
CA GLY C 238 20.36 -28.10 36.27
C GLY C 238 21.75 -27.51 36.17
N LYS C 239 22.78 -28.36 36.14
CA LYS C 239 24.16 -27.89 36.02
C LYS C 239 24.48 -27.61 34.56
N PRO C 240 25.14 -26.48 34.27
CA PRO C 240 25.53 -26.19 32.89
C PRO C 240 26.45 -27.26 32.33
N VAL C 241 26.21 -27.64 31.09
CA VAL C 241 27.07 -28.59 30.39
C VAL C 241 28.26 -27.82 29.84
N GLU C 242 29.43 -28.05 30.44
CA GLU C 242 30.64 -27.33 30.03
C GLU C 242 31.28 -27.91 28.79
N SER C 243 30.76 -29.02 28.27
CA SER C 243 31.25 -29.56 27.00
C SER C 243 30.86 -28.64 25.84
N ASP C 244 31.40 -28.95 24.66
CA ASP C 244 31.01 -28.25 23.45
C ASP C 244 29.88 -28.97 22.71
N LEU C 245 28.97 -29.61 23.44
CA LEU C 245 27.91 -30.39 22.81
C LEU C 245 26.99 -29.51 21.97
N LEU C 246 26.69 -28.30 22.46
CA LEU C 246 25.77 -27.43 21.75
C LEU C 246 26.31 -27.04 20.38
N GLN C 247 27.59 -26.67 20.31
CA GLN C 247 28.20 -26.34 19.03
C GLN C 247 28.23 -27.54 18.11
N ARG C 248 28.50 -28.73 18.65
CA ARG C 248 28.49 -29.94 17.82
C ARG C 248 27.07 -30.29 17.38
N LEU C 249 26.07 -29.95 18.19
CA LEU C 249 24.69 -30.12 17.75
C LEU C 249 24.33 -29.11 16.66
N PHE C 250 24.80 -27.87 16.80
CA PHE C 250 24.61 -26.87 15.76
C PHE C 250 25.19 -27.35 14.43
N GLU C 251 26.42 -27.86 14.47
CA GLU C 251 27.07 -28.32 13.24
C GLU C 251 26.35 -29.53 12.67
N ALA C 252 25.95 -30.48 13.51
CA ALA C 252 25.38 -31.72 13.01
C ALA C 252 24.02 -31.50 12.37
N THR C 253 23.26 -30.49 12.83
CA THR C 253 21.96 -30.21 12.26
C THR C 253 22.00 -29.22 11.10
N GLY C 254 23.20 -28.75 10.73
CA GLY C 254 23.36 -27.90 9.57
C GLY C 254 23.23 -26.41 9.83
N GLN C 255 23.26 -25.97 11.09
CA GLN C 255 23.07 -24.57 11.41
C GLN C 255 24.36 -23.75 11.34
N LEU C 256 25.51 -24.38 11.11
CA LEU C 256 26.78 -23.67 11.00
C LEU C 256 27.31 -23.66 9.57
N ASP C 257 26.50 -24.09 8.61
CA ASP C 257 26.90 -24.14 7.21
C ASP C 257 26.51 -22.81 6.55
N ASP C 258 27.48 -21.91 6.42
CA ASP C 258 27.23 -20.60 5.81
C ASP C 258 27.13 -20.67 4.30
N THR C 259 27.32 -21.84 3.69
CA THR C 259 27.02 -22.06 2.28
C THR C 259 25.59 -22.48 2.05
N PHE C 260 24.89 -22.91 3.10
CA PHE C 260 23.49 -23.35 3.01
C PHE C 260 23.34 -24.52 2.04
N THR C 261 24.36 -25.38 2.00
CA THR C 261 24.35 -26.59 1.19
C THR C 261 23.93 -27.83 1.98
N HIS C 262 23.87 -27.75 3.31
CA HIS C 262 23.62 -28.92 4.14
C HIS C 262 22.30 -29.59 3.76
N GLU C 263 22.27 -30.92 3.89
CA GLU C 263 21.12 -31.69 3.44
C GLU C 263 19.86 -31.42 4.26
N ASN C 264 20.00 -30.85 5.46
CA ASN C 264 18.83 -30.52 6.26
C ASN C 264 18.14 -29.24 5.81
N ILE C 265 18.80 -28.42 5.00
CA ILE C 265 18.34 -27.06 4.72
C ILE C 265 17.45 -27.08 3.48
N HIS C 266 16.28 -26.45 3.60
CA HIS C 266 15.40 -26.17 2.48
C HIS C 266 15.30 -24.67 2.29
N LEU C 267 15.39 -24.22 1.05
CA LEU C 267 15.21 -22.82 0.70
C LEU C 267 13.87 -22.71 -0.01
N PHE C 268 12.90 -22.06 0.63
CA PHE C 268 11.59 -21.85 0.03
C PHE C 268 11.53 -20.48 -0.64
N HIS C 269 10.95 -20.44 -1.83
CA HIS C 269 10.80 -19.20 -2.59
C HIS C 269 9.32 -18.89 -2.74
N PRO C 270 8.82 -17.80 -2.17
CA PRO C 270 7.41 -17.47 -2.30
C PRO C 270 7.11 -16.71 -3.59
N GLU C 271 5.85 -16.80 -4.01
CA GLU C 271 5.34 -16.01 -5.13
C GLU C 271 4.19 -15.14 -4.64
N GLN C 272 3.61 -14.37 -5.57
CA GLN C 272 2.85 -13.18 -5.23
C GLN C 272 1.76 -13.45 -4.20
N GLY C 273 0.88 -14.41 -4.47
CA GLY C 273 -0.24 -14.60 -3.57
C GLY C 273 -0.01 -15.56 -2.41
N ASP C 274 1.22 -15.95 -2.13
CA ASP C 274 1.48 -17.00 -1.15
C ASP C 274 1.22 -16.50 0.28
N LEU C 275 0.69 -17.40 1.10
CA LEU C 275 0.58 -17.21 2.53
C LEU C 275 1.12 -18.47 3.20
N LEU C 276 2.17 -18.33 4.00
CA LEU C 276 2.84 -19.46 4.61
C LEU C 276 2.33 -19.69 6.03
N ILE C 277 2.09 -20.95 6.37
CA ILE C 277 1.79 -21.39 7.73
C ILE C 277 2.62 -22.62 8.00
N TRP C 278 3.49 -22.57 9.02
CA TRP C 278 4.40 -23.68 9.25
C TRP C 278 4.41 -24.08 10.73
N ASP C 279 4.98 -25.26 10.96
CA ASP C 279 5.09 -25.86 12.27
C ASP C 279 6.19 -25.16 13.06
N ASN C 280 5.82 -24.32 14.02
CA ASN C 280 6.80 -23.60 14.83
C ASN C 280 7.43 -24.46 15.91
N ARG C 281 6.96 -25.70 16.08
CA ARG C 281 7.63 -26.64 16.99
C ARG C 281 8.78 -27.34 16.28
N SER C 282 8.52 -27.88 15.10
CA SER C 282 9.49 -28.71 14.40
C SER C 282 10.53 -27.89 13.63
N LEU C 283 10.14 -26.73 13.11
CA LEU C 283 10.97 -26.01 12.16
C LEU C 283 11.76 -24.90 12.83
N ILE C 284 13.00 -24.74 12.41
CA ILE C 284 13.75 -23.52 12.60
C ILE C 284 13.90 -22.86 11.23
N HIS C 285 14.13 -21.55 11.24
CA HIS C 285 14.18 -20.81 9.99
C HIS C 285 15.12 -19.63 10.13
N ARG C 286 15.48 -19.05 8.99
CA ARG C 286 16.31 -17.85 8.96
C ARG C 286 16.11 -17.16 7.62
N ALA C 287 16.44 -15.87 7.59
CA ALA C 287 16.31 -15.07 6.39
C ALA C 287 17.48 -15.33 5.44
N LEU C 288 17.41 -14.72 4.25
CA LEU C 288 18.47 -14.84 3.27
C LEU C 288 19.77 -14.25 3.78
N HIS C 289 20.88 -14.74 3.23
CA HIS C 289 22.18 -14.19 3.56
C HIS C 289 22.45 -12.89 2.81
N THR C 290 22.00 -12.80 1.56
CA THR C 290 22.29 -11.63 0.74
C THR C 290 21.53 -10.41 1.25
N THR C 291 22.22 -9.28 1.35
CA THR C 291 21.59 -8.04 1.74
C THR C 291 20.60 -7.58 0.66
N THR C 292 19.38 -7.28 1.07
CA THR C 292 18.34 -6.92 0.12
C THR C 292 18.48 -5.45 -0.28
N PRO C 293 18.45 -5.13 -1.57
CA PRO C 293 18.37 -3.72 -1.97
C PRO C 293 16.94 -3.26 -2.17
N GLU C 294 16.09 -4.16 -2.69
CA GLU C 294 14.73 -3.85 -3.04
C GLU C 294 13.84 -3.74 -1.81
N PRO C 295 12.74 -2.99 -1.91
CA PRO C 295 11.76 -2.97 -0.81
C PRO C 295 11.12 -4.35 -0.65
N VAL C 296 10.97 -4.76 0.60
CA VAL C 296 10.36 -6.06 0.91
C VAL C 296 9.67 -5.95 2.27
N VAL C 297 8.39 -6.34 2.31
CA VAL C 297 7.56 -6.22 3.50
C VAL C 297 6.82 -7.54 3.71
N SER C 298 6.77 -7.99 4.97
CA SER C 298 6.06 -9.20 5.34
C SER C 298 5.25 -8.97 6.60
N PHE C 299 4.03 -9.52 6.61
CA PHE C 299 3.13 -9.43 7.76
C PHE C 299 3.07 -10.80 8.43
N ARG C 300 3.41 -10.87 9.71
CA ARG C 300 3.43 -12.11 10.45
C ARG C 300 2.34 -12.13 11.51
N VAL C 301 1.64 -13.26 11.60
CA VAL C 301 0.70 -13.54 12.68
C VAL C 301 1.13 -14.84 13.33
N THR C 302 1.23 -14.82 14.66
CA THR C 302 1.69 -15.98 15.44
C THR C 302 0.57 -16.42 16.38
N VAL C 303 0.37 -17.73 16.49
CA VAL C 303 -0.92 -18.24 16.94
C VAL C 303 -0.71 -19.53 17.75
N HIS C 304 -1.49 -19.66 18.83
CA HIS C 304 -1.49 -20.87 19.66
C HIS C 304 -2.48 -21.89 19.11
N ASP C 305 -2.10 -23.16 19.14
CA ASP C 305 -2.84 -24.20 18.43
C ASP C 305 -3.33 -25.35 19.31
N GLU C 306 -4.14 -25.05 20.33
CA GLU C 306 -4.80 -26.10 21.11
C GLU C 306 -3.84 -26.88 21.99
N HIS C 307 -2.54 -26.81 21.71
CA HIS C 307 -1.54 -27.50 22.49
C HIS C 307 -0.43 -26.53 22.88
N LYS C 308 0.27 -26.83 23.97
CA LYS C 308 1.47 -26.11 24.34
C LYS C 308 2.65 -26.68 23.55
N LEU C 309 3.87 -26.28 23.89
CA LEU C 309 5.04 -26.77 23.17
C LEU C 309 5.09 -28.30 23.17
N TYR C 310 4.86 -28.91 24.32
CA TYR C 310 4.68 -30.35 24.44
C TYR C 310 3.64 -30.60 25.51
N ASP C 311 3.02 -31.79 25.46
CA ASP C 311 2.06 -32.17 26.48
C ASP C 311 2.78 -32.42 27.81
N GLY C 312 2.28 -31.80 28.87
CA GLY C 312 2.88 -31.93 30.19
C GLY C 312 3.86 -30.84 30.57
N MET C 313 3.72 -29.64 30.00
CA MET C 313 4.61 -28.55 30.38
C MET C 313 4.34 -28.11 31.81
N PRO C 314 5.37 -27.77 32.58
CA PRO C 314 5.14 -27.16 33.89
C PRO C 314 4.48 -25.80 33.73
N ALA C 315 3.62 -25.47 34.69
CA ALA C 315 2.88 -24.21 34.64
C ALA C 315 3.80 -23.02 34.87
N MET D 21 -28.06 -4.01 7.31
CA MET D 21 -27.67 -2.82 6.56
C MET D 21 -28.64 -1.67 6.81
N GLU D 22 -28.10 -0.49 7.12
CA GLU D 22 -28.91 0.67 7.46
C GLU D 22 -28.44 1.86 6.63
N ILE D 23 -29.40 2.57 6.03
CA ILE D 23 -29.13 3.75 5.22
C ILE D 23 -29.66 4.97 5.97
N LYS D 24 -28.81 5.97 6.17
CA LYS D 24 -29.16 7.17 6.91
C LYS D 24 -28.84 8.39 6.08
N ALA D 25 -29.78 9.34 6.05
CA ALA D 25 -29.51 10.63 5.43
C ALA D 25 -28.54 11.42 6.29
N GLN D 26 -27.78 12.31 5.64
CA GLN D 26 -26.78 13.11 6.34
C GLN D 26 -27.42 14.15 7.26
N GLY D 28 -28.54 17.03 8.19
CA GLY D 28 -28.25 18.30 7.53
C GLY D 28 -29.11 18.54 6.30
N SER D 29 -28.50 18.41 5.13
CA SER D 29 -29.20 18.64 3.87
C SER D 29 -29.90 17.37 3.39
N SER D 30 -30.72 17.52 2.36
CA SER D 30 -31.32 16.39 1.66
C SER D 30 -30.40 15.77 0.64
N PHE D 31 -29.16 16.25 0.53
CA PHE D 31 -28.19 15.76 -0.42
C PHE D 31 -27.27 14.76 0.26
N GLY D 32 -27.25 13.54 -0.25
CA GLY D 32 -26.30 12.56 0.25
C GLY D 32 -26.89 11.67 1.33
N ALA D 33 -26.34 10.46 1.41
CA ALA D 33 -26.76 9.51 2.43
C ALA D 33 -25.57 8.65 2.80
N SER D 34 -25.71 7.94 3.91
CA SER D 34 -24.66 7.09 4.46
C SER D 34 -25.19 5.66 4.55
N VAL D 35 -24.36 4.71 4.13
CA VAL D 35 -24.73 3.29 4.14
C VAL D 35 -23.81 2.56 5.10
N GLU D 36 -24.39 1.96 6.13
CA GLU D 36 -23.63 1.26 7.16
C GLU D 36 -23.96 -0.22 7.14
N GLY D 37 -23.01 -1.03 7.56
CA GLY D 37 -23.20 -2.47 7.61
C GLY D 37 -23.27 -3.14 6.25
N PHE D 38 -22.71 -2.53 5.22
CA PHE D 38 -22.73 -3.09 3.88
C PHE D 38 -21.47 -3.91 3.64
N ASP D 39 -21.65 -5.21 3.42
CA ASP D 39 -20.56 -6.13 3.08
C ASP D 39 -20.93 -6.77 1.74
N HIS D 40 -20.21 -6.40 0.68
CA HIS D 40 -20.59 -6.86 -0.65
C HIS D 40 -20.50 -8.37 -0.78
N THR D 41 -19.67 -9.02 0.03
CA THR D 41 -19.55 -10.48 -0.02
C THR D 41 -20.77 -11.18 0.56
N THR D 42 -21.57 -10.49 1.37
CA THR D 42 -22.79 -11.05 1.92
C THR D 42 -24.04 -10.23 1.60
N ALA D 43 -23.90 -9.14 0.85
CA ALA D 43 -25.03 -8.30 0.54
C ALA D 43 -26.02 -9.04 -0.36
N THR D 44 -27.30 -8.84 -0.09
CA THR D 44 -28.36 -9.50 -0.85
C THR D 44 -28.82 -8.59 -2.01
N ALA D 45 -29.71 -9.13 -2.84
CA ALA D 45 -30.22 -8.35 -3.96
C ALA D 45 -31.06 -7.18 -3.48
N GLU D 46 -31.77 -7.34 -2.36
CA GLU D 46 -32.55 -6.23 -1.82
C GLU D 46 -31.64 -5.12 -1.32
N ASP D 47 -30.50 -5.47 -0.74
CA ASP D 47 -29.54 -4.46 -0.31
C ASP D 47 -29.05 -3.63 -1.50
N ILE D 48 -28.64 -4.30 -2.57
CA ILE D 48 -28.16 -3.59 -3.75
C ILE D 48 -29.27 -2.71 -4.33
N LYS D 49 -30.50 -3.22 -4.36
CA LYS D 49 -31.62 -2.45 -4.90
C LYS D 49 -31.94 -1.26 -4.01
N ALA D 50 -31.82 -1.41 -2.69
CA ALA D 50 -32.09 -0.30 -1.79
C ALA D 50 -31.01 0.77 -1.90
N ILE D 51 -29.75 0.37 -2.13
CA ILE D 51 -28.68 1.35 -2.28
C ILE D 51 -28.85 2.13 -3.58
N LYS D 52 -29.19 1.43 -4.66
CA LYS D 52 -29.42 2.10 -5.94
C LYS D 52 -30.52 3.14 -5.84
N GLU D 53 -31.64 2.79 -5.18
CA GLU D 53 -32.72 3.74 -5.01
C GLU D 53 -32.25 4.97 -4.23
N THR D 54 -31.37 4.77 -3.26
CA THR D 54 -30.81 5.90 -2.52
C THR D 54 -29.94 6.77 -3.42
N ILE D 55 -29.16 6.14 -4.30
CA ILE D 55 -28.26 6.89 -5.18
C ILE D 55 -29.05 7.83 -6.09
N TYR D 56 -30.13 7.33 -6.68
CA TYR D 56 -30.85 8.15 -7.65
C TYR D 56 -31.68 9.25 -7.00
N THR D 57 -32.02 9.12 -5.72
CA THR D 57 -32.76 10.15 -5.01
C THR D 57 -31.87 11.05 -4.17
N LYS D 58 -30.89 10.50 -3.46
CA LYS D 58 -29.95 11.29 -2.67
C LYS D 58 -28.72 11.71 -3.45
N LYS D 59 -28.55 11.21 -4.67
CA LYS D 59 -27.51 11.63 -5.62
C LYS D 59 -26.13 11.09 -5.27
N ILE D 60 -25.83 10.86 -3.99
CA ILE D 60 -24.58 10.22 -3.61
C ILE D 60 -24.82 9.36 -2.37
N ALA D 61 -24.28 8.14 -2.39
CA ALA D 61 -24.34 7.22 -1.27
C ALA D 61 -22.93 6.91 -0.80
N VAL D 62 -22.70 7.03 0.50
CA VAL D 62 -21.39 6.82 1.10
C VAL D 62 -21.41 5.49 1.83
N LEU D 63 -20.76 4.48 1.25
CA LEU D 63 -20.60 3.20 1.92
C LEU D 63 -19.52 3.33 2.98
N LYS D 64 -19.86 3.02 4.23
CA LYS D 64 -18.96 3.22 5.35
C LYS D 64 -18.21 1.93 5.67
N GLY D 65 -17.00 2.10 6.21
CA GLY D 65 -16.24 0.98 6.73
C GLY D 65 -15.84 -0.05 5.70
N GLN D 66 -15.58 0.37 4.47
CA GLN D 66 -15.19 -0.56 3.42
C GLN D 66 -13.71 -0.91 3.55
N ASP D 67 -13.39 -2.20 3.44
CA ASP D 67 -12.03 -2.71 3.57
C ASP D 67 -11.82 -3.66 2.39
N LEU D 68 -11.28 -3.14 1.29
CA LEU D 68 -11.28 -3.84 0.02
C LEU D 68 -9.91 -3.80 -0.63
N THR D 69 -9.49 -4.93 -1.18
CA THR D 69 -8.37 -4.99 -2.11
C THR D 69 -8.83 -4.48 -3.47
N PRO D 70 -7.90 -4.24 -4.41
CA PRO D 70 -8.32 -3.84 -5.76
C PRO D 70 -9.27 -4.85 -6.41
N ALA D 71 -9.01 -6.14 -6.23
CA ALA D 71 -9.89 -7.15 -6.83
C ALA D 71 -11.26 -7.14 -6.17
N GLN D 72 -11.31 -7.06 -4.84
CA GLN D 72 -12.60 -7.03 -4.15
C GLN D 72 -13.37 -5.75 -4.47
N TYR D 73 -12.65 -4.64 -4.66
CA TYR D 73 -13.31 -3.39 -5.07
C TYR D 73 -13.99 -3.56 -6.42
N LEU D 74 -13.33 -4.23 -7.36
CA LEU D 74 -13.94 -4.46 -8.67
C LEU D 74 -15.16 -5.36 -8.54
N GLU D 75 -15.07 -6.41 -7.70
CA GLU D 75 -16.21 -7.28 -7.47
C GLU D 75 -17.41 -6.49 -6.94
N LEU D 76 -17.17 -5.60 -5.98
CA LEU D 76 -18.24 -4.73 -5.50
C LEU D 76 -18.80 -3.89 -6.63
N GLY D 77 -17.92 -3.38 -7.51
CA GLY D 77 -18.36 -2.47 -8.55
C GLY D 77 -19.31 -3.11 -9.53
N LYS D 78 -19.04 -4.36 -9.94
CA LYS D 78 -19.90 -4.99 -10.93
C LYS D 78 -21.20 -5.51 -10.33
N MET D 79 -21.42 -5.36 -9.02
CA MET D 79 -22.73 -5.58 -8.45
C MET D 79 -23.69 -4.43 -8.74
N PHE D 80 -23.16 -3.26 -9.09
CA PHE D 80 -23.98 -2.09 -9.39
C PHE D 80 -24.11 -1.80 -10.87
N GLY D 81 -23.30 -2.44 -11.71
CA GLY D 81 -23.40 -2.21 -13.14
C GLY D 81 -22.24 -2.86 -13.87
N ARG D 82 -22.21 -2.61 -15.18
CA ARG D 82 -21.17 -3.15 -16.04
C ARG D 82 -20.03 -2.16 -16.16
N PRO D 83 -18.83 -2.48 -15.67
CA PRO D 83 -17.75 -1.49 -15.67
C PRO D 83 -17.34 -1.08 -17.08
N VAL D 84 -17.00 0.21 -17.22
CA VAL D 84 -16.52 0.78 -18.47
C VAL D 84 -15.05 1.14 -18.29
N VAL D 85 -14.20 0.63 -19.18
CA VAL D 85 -12.77 0.91 -19.11
C VAL D 85 -12.50 2.28 -19.71
N TYR D 86 -11.82 3.14 -18.96
CA TYR D 86 -11.50 4.48 -19.44
C TYR D 86 -10.66 4.40 -20.71
N TYR D 87 -11.01 5.25 -21.69
CA TYR D 87 -10.46 5.10 -23.04
C TYR D 87 -8.96 5.39 -23.09
N GLU D 88 -8.46 6.29 -22.24
CA GLU D 88 -7.04 6.61 -22.24
C GLU D 88 -6.30 5.70 -21.27
N PRO D 89 -5.39 4.85 -21.74
CA PRO D 89 -4.74 3.87 -20.84
C PRO D 89 -3.78 4.49 -19.84
N MET D 90 -3.46 5.78 -19.94
CA MET D 90 -2.57 6.43 -18.99
C MET D 90 -3.07 6.33 -17.56
N TYR D 91 -4.40 6.29 -17.37
CA TYR D 91 -5.01 6.28 -16.05
C TYR D 91 -5.19 4.88 -15.46
N LYS D 92 -4.86 3.84 -16.21
CA LYS D 92 -5.23 2.48 -15.83
C LYS D 92 -4.45 1.98 -14.62
N HIS D 93 -5.14 1.30 -13.71
CA HIS D 93 -4.48 0.50 -12.71
C HIS D 93 -3.70 -0.62 -13.40
N PRO D 94 -2.48 -0.94 -12.94
CA PRO D 94 -1.65 -1.88 -13.70
C PRO D 94 -2.15 -3.31 -13.67
N GLU D 95 -2.97 -3.69 -12.69
CA GLU D 95 -3.49 -5.05 -12.61
C GLU D 95 -4.94 -5.17 -13.06
N PHE D 96 -5.76 -4.14 -12.86
CA PHE D 96 -7.16 -4.17 -13.25
C PHE D 96 -7.46 -2.92 -14.09
N GLU D 97 -7.59 -3.12 -15.41
CA GLU D 97 -7.79 -1.98 -16.30
C GLU D 97 -9.08 -1.23 -16.02
N GLU D 98 -10.07 -1.88 -15.39
CA GLU D 98 -11.31 -1.21 -15.05
C GLU D 98 -11.10 -0.10 -14.02
N ILE D 99 -10.04 -0.17 -13.23
CA ILE D 99 -9.80 0.79 -12.15
C ILE D 99 -9.05 1.99 -12.72
N PHE D 100 -9.66 3.17 -12.55
CA PHE D 100 -9.10 4.45 -12.96
C PHE D 100 -8.39 5.05 -11.75
N VAL D 101 -7.11 5.37 -11.89
CA VAL D 101 -6.28 5.75 -10.75
C VAL D 101 -5.99 7.24 -10.81
N SER D 102 -6.43 7.97 -9.78
CA SER D 102 -6.04 9.34 -9.55
C SER D 102 -4.98 9.36 -8.45
N SER D 103 -3.80 9.85 -8.77
CA SER D 103 -2.68 9.77 -7.83
C SER D 103 -1.65 10.84 -8.13
N ASN D 104 -1.22 11.55 -7.09
CA ASN D 104 -0.14 12.53 -7.20
C ASN D 104 1.17 12.02 -6.63
N VAL D 105 1.28 10.72 -6.37
CA VAL D 105 2.52 10.11 -5.92
C VAL D 105 3.49 10.06 -7.10
N PRO D 106 4.61 10.79 -7.06
CA PRO D 106 5.56 10.88 -8.17
C PRO D 106 6.32 9.58 -8.43
N GLN D 111 4.10 7.80 -13.72
CA GLN D 111 3.71 7.41 -12.37
C GLN D 111 2.95 6.10 -12.36
N ILE D 112 2.01 6.04 -11.43
CA ILE D 112 0.84 5.19 -11.51
C ILE D 112 -0.37 6.09 -11.36
N GLY D 113 -1.25 6.08 -12.36
CA GLY D 113 -2.34 7.04 -12.34
C GLY D 113 -1.87 8.41 -12.83
N VAL D 114 -2.75 9.39 -12.67
CA VAL D 114 -2.51 10.74 -13.17
C VAL D 114 -2.76 11.73 -12.05
N PRO D 115 -1.90 12.74 -11.88
CA PRO D 115 -2.10 13.72 -10.80
C PRO D 115 -3.00 14.87 -11.22
N LYS D 116 -3.52 15.57 -10.21
CA LYS D 116 -4.26 16.82 -10.39
C LYS D 116 -5.44 16.65 -11.34
N THR D 117 -6.15 15.54 -11.21
CA THR D 117 -7.30 15.28 -12.07
C THR D 117 -8.54 16.00 -11.55
N GLY D 118 -9.42 16.35 -12.48
CA GLY D 118 -10.75 16.84 -12.12
C GLY D 118 -10.83 18.24 -11.57
N LYS D 119 -9.86 19.10 -11.87
CA LYS D 119 -9.90 20.48 -11.37
C LYS D 119 -10.75 21.36 -12.27
N PHE D 120 -11.98 20.92 -12.54
CA PHE D 120 -12.93 21.58 -13.43
C PHE D 120 -14.27 20.90 -13.27
N TRP D 121 -15.34 21.69 -13.38
CA TRP D 121 -16.69 21.12 -13.32
C TRP D 121 -16.92 20.19 -14.50
N HIS D 122 -17.40 18.98 -14.22
CA HIS D 122 -17.62 18.03 -15.30
C HIS D 122 -18.50 16.88 -14.81
N ALA D 123 -19.18 16.25 -15.76
CA ALA D 123 -19.78 14.94 -15.55
C ALA D 123 -18.93 13.91 -16.26
N ASP D 124 -18.82 12.71 -15.68
CA ASP D 124 -17.89 11.72 -16.21
C ASP D 124 -18.38 11.19 -17.56
N TYR D 125 -17.46 11.13 -18.52
CA TYR D 125 -17.71 10.67 -19.89
C TYR D 125 -18.77 11.52 -20.59
N GLN D 126 -18.99 12.75 -20.14
CA GLN D 126 -19.90 13.66 -20.82
C GLN D 126 -19.45 13.96 -22.25
N PHE D 127 -18.16 13.82 -22.54
CA PHE D 127 -17.60 14.03 -23.86
C PHE D 127 -17.67 12.77 -24.73
N MET D 128 -18.29 11.69 -24.24
CA MET D 128 -18.37 10.42 -24.94
C MET D 128 -19.81 10.14 -25.37
N PRO D 129 -20.01 9.33 -26.42
CA PRO D 129 -21.37 9.15 -26.95
C PRO D 129 -22.28 8.31 -26.07
N ASP D 130 -21.74 7.47 -25.19
CA ASP D 130 -22.55 6.58 -24.34
C ASP D 130 -22.13 6.73 -22.89
N PRO D 131 -22.51 7.84 -22.24
CA PRO D 131 -22.11 8.05 -20.84
C PRO D 131 -22.82 7.10 -19.90
N PHE D 132 -22.09 6.68 -18.86
CA PHE D 132 -22.59 5.74 -17.86
C PHE D 132 -23.29 6.48 -16.72
N GLY D 133 -24.13 5.74 -16.00
CA GLY D 133 -24.96 6.35 -14.97
C GLY D 133 -24.34 6.45 -13.59
N LEU D 134 -23.37 5.59 -13.27
CA LEU D 134 -22.86 5.48 -11.90
C LEU D 134 -21.35 5.59 -11.87
N THR D 135 -20.84 6.43 -10.97
CA THR D 135 -19.40 6.58 -10.73
C THR D 135 -19.10 6.11 -9.32
N LEU D 136 -18.07 5.29 -9.18
CA LEU D 136 -17.61 4.80 -7.88
C LEU D 136 -16.22 5.34 -7.59
N ILE D 137 -15.99 5.76 -6.34
CA ILE D 137 -14.72 6.32 -5.90
C ILE D 137 -14.35 5.68 -4.58
N TYR D 138 -13.18 5.04 -4.54
CA TYR D 138 -12.68 4.38 -3.33
C TYR D 138 -11.33 5.00 -2.99
N PRO D 139 -11.30 6.00 -2.12
CA PRO D 139 -10.02 6.65 -1.77
C PRO D 139 -9.08 5.66 -1.09
N GLN D 140 -7.82 5.67 -1.54
CA GLN D 140 -6.79 4.79 -1.01
C GLN D 140 -5.93 5.47 0.05
N VAL D 141 -5.42 6.66 -0.25
CA VAL D 141 -4.58 7.43 0.67
C VAL D 141 -5.29 8.75 0.91
N ILE D 142 -5.77 8.95 2.14
CA ILE D 142 -6.51 10.15 2.51
C ILE D 142 -5.64 10.95 3.48
N PRO D 143 -5.11 12.10 3.09
CA PRO D 143 -4.35 12.93 4.03
C PRO D 143 -5.26 13.56 5.07
N GLN D 144 -4.64 14.00 6.18
CA GLN D 144 -5.39 14.69 7.21
C GLN D 144 -5.94 16.02 6.70
N LYS D 145 -5.19 16.70 5.84
CA LYS D 145 -5.73 17.83 5.08
C LYS D 145 -6.70 17.25 4.08
N ASN D 146 -7.99 17.33 4.40
CA ASN D 146 -9.00 16.57 3.68
C ASN D 146 -9.07 16.97 2.21
N ARG D 147 -9.08 15.98 1.33
CA ARG D 147 -9.13 16.18 -0.11
C ARG D 147 -10.52 15.75 -0.57
N GLY D 148 -11.48 16.67 -0.49
CA GLY D 148 -12.86 16.40 -0.82
C GLY D 148 -13.18 16.67 -2.27
N THR D 149 -14.48 16.68 -2.56
CA THR D 149 -14.98 16.84 -3.92
C THR D 149 -16.23 17.71 -3.90
N TYR D 150 -16.27 18.70 -4.79
CA TYR D 150 -17.45 19.54 -4.95
C TYR D 150 -18.46 18.85 -5.87
N TYR D 151 -19.75 19.06 -5.58
CA TYR D 151 -20.83 18.51 -6.38
C TYR D 151 -21.89 19.57 -6.62
N ILE D 152 -22.54 19.49 -7.78
CA ILE D 152 -23.70 20.30 -8.10
C ILE D 152 -24.74 19.40 -8.73
N ASP D 153 -25.96 19.42 -8.18
CA ASP D 153 -27.09 18.69 -8.73
C ASP D 153 -27.66 19.49 -9.90
N MET D 154 -27.44 19.01 -11.12
CA MET D 154 -27.88 19.74 -12.30
C MET D 154 -29.38 19.59 -12.58
N GLY D 155 -30.06 18.69 -11.86
CA GLY D 155 -31.51 18.64 -11.93
C GLY D 155 -32.12 19.72 -11.06
N LYS D 156 -31.67 19.80 -9.81
CA LYS D 156 -32.08 20.90 -8.94
C LYS D 156 -31.64 22.24 -9.50
N ALA D 157 -30.46 22.28 -10.13
CA ALA D 157 -29.98 23.52 -10.73
C ALA D 157 -30.90 23.98 -11.86
N TYR D 158 -31.42 23.04 -12.64
CA TYR D 158 -32.39 23.40 -13.68
C TYR D 158 -33.64 24.00 -13.06
N GLU D 159 -34.17 23.37 -12.00
CA GLU D 159 -35.40 23.83 -11.39
C GLU D 159 -35.26 25.21 -10.78
N ARG D 160 -34.07 25.59 -10.34
CA ARG D 160 -33.84 26.90 -9.74
C ARG D 160 -33.59 27.99 -10.77
N LEU D 161 -33.56 27.65 -12.05
CA LEU D 161 -33.38 28.66 -13.08
C LEU D 161 -34.62 29.52 -13.20
N PRO D 162 -34.48 30.82 -13.47
CA PRO D 162 -35.66 31.62 -13.82
C PRO D 162 -36.33 31.07 -15.07
N GLN D 163 -37.65 31.27 -15.15
CA GLN D 163 -38.42 30.72 -16.27
C GLN D 163 -37.89 31.24 -17.60
N GLU D 164 -37.33 32.45 -17.62
CA GLU D 164 -36.75 32.98 -18.85
C GLU D 164 -35.63 32.08 -19.36
N LEU D 165 -34.82 31.54 -18.44
CA LEU D 165 -33.74 30.65 -18.85
C LEU D 165 -34.25 29.25 -19.19
N LYS D 166 -35.27 28.79 -18.47
CA LYS D 166 -35.88 27.50 -18.79
C LYS D 166 -36.48 27.51 -20.19
N ASP D 167 -37.15 28.60 -20.56
CA ASP D 167 -37.71 28.71 -21.90
C ASP D 167 -36.61 28.77 -22.95
N GLU D 168 -35.45 29.32 -22.61
CA GLU D 168 -34.38 29.47 -23.59
C GLU D 168 -33.71 28.13 -23.91
N VAL D 169 -33.67 27.21 -22.95
CA VAL D 169 -32.96 25.95 -23.15
C VAL D 169 -33.81 24.86 -23.79
N ALA D 170 -35.11 25.10 -23.97
CA ALA D 170 -35.99 24.07 -24.48
C ALA D 170 -35.67 23.76 -25.94
N GLY D 171 -35.52 22.47 -26.24
CA GLY D 171 -35.28 22.01 -27.60
C GLY D 171 -33.84 22.09 -28.08
N LEU D 172 -32.96 22.73 -27.33
CA LEU D 172 -31.58 22.92 -27.76
C LEU D 172 -30.77 21.64 -27.53
N TYR D 173 -29.51 21.67 -27.99
CA TYR D 173 -28.59 20.57 -27.81
C TYR D 173 -27.28 21.09 -27.23
N GLY D 174 -26.64 20.24 -26.43
CA GLY D 174 -25.33 20.55 -25.87
C GLY D 174 -24.26 19.79 -26.63
N VAL D 175 -23.19 20.50 -26.97
CA VAL D 175 -22.02 19.92 -27.63
C VAL D 175 -20.92 19.75 -26.60
N HIS D 176 -20.42 18.52 -26.46
CA HIS D 176 -19.49 18.18 -25.40
C HIS D 176 -18.22 17.59 -25.99
N SER D 177 -17.08 18.02 -25.46
CA SER D 177 -15.77 17.62 -25.99
C SER D 177 -14.76 17.60 -24.86
N VAL D 178 -13.81 16.66 -24.96
CA VAL D 178 -12.71 16.58 -24.01
C VAL D 178 -11.54 17.48 -24.38
N ARG D 179 -11.64 18.21 -25.49
CA ARG D 179 -10.48 18.94 -26.02
C ARG D 179 -10.02 20.07 -25.12
N LYS D 180 -10.80 20.44 -24.11
CA LYS D 180 -10.39 21.51 -23.20
C LYS D 180 -9.52 21.01 -22.07
N TYR D 181 -9.80 19.81 -21.53
CA TYR D 181 -9.08 19.32 -20.36
C TYR D 181 -8.39 17.99 -20.62
N PHE D 182 -8.20 17.62 -21.88
CA PHE D 182 -7.33 16.50 -22.22
C PHE D 182 -5.94 16.74 -21.64
N LYS D 183 -5.42 15.76 -20.92
CA LYS D 183 -4.15 15.90 -20.22
C LYS D 183 -3.00 15.44 -21.11
N ILE D 184 -1.93 16.25 -21.15
CA ILE D 184 -0.74 15.89 -21.91
C ILE D 184 -0.12 14.63 -21.30
N ARG D 185 0.25 13.69 -22.15
CA ARG D 185 0.82 12.41 -21.75
C ARG D 185 2.33 12.41 -21.94
N PRO D 186 3.05 11.57 -21.19
CA PRO D 186 4.52 11.53 -21.35
C PRO D 186 4.98 11.31 -22.79
N HIS D 187 4.26 10.51 -23.57
CA HIS D 187 4.64 10.28 -24.95
C HIS D 187 4.19 11.38 -25.91
N ASP D 188 3.61 12.47 -25.39
CA ASP D 188 3.32 13.64 -26.21
C ASP D 188 4.48 14.62 -26.27
N VAL D 189 5.52 14.43 -25.46
CA VAL D 189 6.61 15.40 -25.41
C VAL D 189 7.31 15.46 -26.76
N TYR D 190 7.59 16.69 -27.21
CA TYR D 190 8.25 17.07 -28.46
C TYR D 190 7.34 16.94 -29.67
N ARG D 191 6.08 16.55 -29.48
CA ARG D 191 5.13 16.57 -30.58
C ARG D 191 4.61 17.99 -30.80
N PRO D 192 4.33 18.36 -32.04
CA PRO D 192 3.64 19.63 -32.28
C PRO D 192 2.21 19.55 -31.76
N ILE D 193 1.77 20.62 -31.11
CA ILE D 193 0.51 20.58 -30.37
C ILE D 193 -0.68 20.37 -31.31
N SER D 194 -0.58 20.86 -32.56
CA SER D 194 -1.70 20.68 -33.48
C SER D 194 -1.92 19.22 -33.83
N GLU D 195 -0.88 18.39 -33.78
CA GLU D 195 -1.03 16.96 -34.00
C GLU D 195 -1.86 16.31 -32.90
N ILE D 196 -1.68 16.77 -31.65
CA ILE D 196 -2.46 16.21 -30.55
C ILE D 196 -3.91 16.63 -30.67
N LEU D 197 -4.17 17.88 -31.05
CA LEU D 197 -5.54 18.34 -31.23
C LEU D 197 -6.24 17.56 -32.34
N THR D 198 -5.54 17.29 -33.44
CA THR D 198 -6.12 16.48 -34.50
C THR D 198 -6.38 15.06 -34.04
N GLU D 199 -5.45 14.48 -33.28
CA GLU D 199 -5.66 13.16 -32.71
C GLU D 199 -6.85 13.15 -31.75
N ILE D 200 -7.08 14.26 -31.03
CA ILE D 200 -8.21 14.32 -30.11
C ILE D 200 -9.52 14.35 -30.89
N GLU D 201 -9.61 15.23 -31.89
CA GLU D 201 -10.87 15.41 -32.61
C GLU D 201 -11.22 14.20 -33.48
N GLU D 202 -10.34 13.22 -33.61
CA GLU D 202 -10.63 12.00 -34.33
C GLU D 202 -10.80 10.79 -33.43
N HIS D 203 -9.99 10.67 -32.37
CA HIS D 203 -10.21 9.62 -31.39
C HIS D 203 -11.49 9.84 -30.60
N THR D 204 -11.74 11.08 -30.18
CA THR D 204 -12.90 11.43 -29.36
C THR D 204 -13.53 12.70 -29.91
N PRO D 205 -14.27 12.61 -31.00
CA PRO D 205 -14.88 13.82 -31.60
C PRO D 205 -15.96 14.37 -30.70
N PRO D 206 -16.39 15.62 -30.91
CA PRO D 206 -17.47 16.18 -30.09
C PRO D 206 -18.75 15.39 -30.26
N VAL D 207 -19.49 15.24 -29.16
CA VAL D 207 -20.74 14.51 -29.17
C VAL D 207 -21.87 15.47 -28.82
N ARG D 208 -23.08 15.11 -29.24
CA ARG D 208 -24.26 15.92 -29.02
C ARG D 208 -25.23 15.19 -28.11
N GLN D 209 -25.85 15.94 -27.21
CA GLN D 209 -26.92 15.44 -26.36
C GLN D 209 -27.97 16.53 -26.25
N PRO D 210 -29.23 16.18 -26.05
CA PRO D 210 -30.24 17.20 -25.74
C PRO D 210 -29.80 18.03 -24.55
N LEU D 211 -30.03 19.34 -24.64
CA LEU D 211 -29.62 20.24 -23.57
C LEU D 211 -30.24 19.82 -22.24
N THR D 212 -31.50 19.41 -22.26
CA THR D 212 -32.14 18.81 -21.11
C THR D 212 -32.69 17.45 -21.49
N PHE D 213 -32.67 16.52 -20.54
CA PHE D 213 -33.28 15.22 -20.71
C PHE D 213 -33.95 14.83 -19.40
N LYS D 214 -34.82 13.82 -19.51
CA LYS D 214 -35.55 13.25 -18.38
C LYS D 214 -34.72 12.12 -17.80
N HIS D 215 -34.48 12.18 -16.49
CA HIS D 215 -33.70 11.17 -15.78
C HIS D 215 -34.41 9.81 -15.83
N PRO D 216 -33.86 8.81 -16.53
CA PRO D 216 -34.61 7.56 -16.76
C PRO D 216 -34.96 6.78 -15.50
N LEU D 217 -34.54 7.24 -14.32
CA LEU D 217 -34.90 6.56 -13.08
C LEU D 217 -35.75 7.38 -12.13
N THR D 218 -35.78 8.71 -12.24
CA THR D 218 -36.48 9.54 -11.26
C THR D 218 -37.54 10.46 -11.86
N GLY D 219 -37.48 10.75 -13.17
CA GLY D 219 -38.35 11.71 -13.84
C GLY D 219 -37.85 13.15 -13.88
N GLU D 220 -36.79 13.48 -13.15
CA GLU D 220 -36.31 14.85 -13.11
C GLU D 220 -35.87 15.32 -14.50
N THR D 221 -35.83 16.64 -14.65
CA THR D 221 -35.29 17.29 -15.84
C THR D 221 -33.87 17.75 -15.52
N VAL D 222 -32.89 17.18 -16.22
CA VAL D 222 -31.49 17.45 -15.96
C VAL D 222 -30.96 18.39 -17.03
N LEU D 223 -30.39 19.51 -16.60
CA LEU D 223 -29.64 20.38 -17.50
C LEU D 223 -28.23 19.82 -17.63
N TYR D 224 -27.94 19.21 -18.78
CA TYR D 224 -26.73 18.39 -18.96
C TYR D 224 -25.64 19.23 -19.62
N ILE D 225 -24.98 20.07 -18.81
CA ILE D 225 -23.83 20.85 -19.24
C ILE D 225 -22.78 20.84 -18.14
N SER D 226 -21.55 21.15 -18.51
CA SER D 226 -20.48 21.34 -17.54
C SER D 226 -19.42 22.24 -18.15
N GLU D 227 -18.85 23.13 -17.32
CA GLU D 227 -17.84 24.06 -17.80
C GLU D 227 -16.65 23.35 -18.42
N GLY D 228 -16.33 22.15 -17.93
CA GLY D 228 -15.19 21.42 -18.43
C GLY D 228 -15.35 20.83 -19.82
N PHE D 229 -16.51 20.23 -20.10
CA PHE D 229 -16.70 19.45 -21.32
C PHE D 229 -17.65 20.08 -22.33
N THR D 230 -18.59 20.91 -21.90
CA THR D 230 -19.58 21.48 -22.83
C THR D 230 -18.99 22.68 -23.53
N VAL D 231 -18.83 22.58 -24.85
CA VAL D 231 -18.13 23.60 -25.63
C VAL D 231 -19.08 24.52 -26.39
N GLY D 232 -20.35 24.16 -26.53
CA GLY D 232 -21.28 25.02 -27.24
C GLY D 232 -22.66 24.41 -27.27
N LEU D 233 -23.62 25.23 -27.67
CA LEU D 233 -25.00 24.83 -27.85
C LEU D 233 -25.38 24.89 -29.33
N GLU D 234 -26.31 24.04 -29.73
CA GLU D 234 -26.72 23.93 -31.12
C GLU D 234 -28.24 23.92 -31.23
N ASP D 235 -28.70 24.10 -32.48
CA ASP D 235 -30.12 24.07 -32.79
C ASP D 235 -30.64 22.63 -32.75
N ALA D 236 -31.96 22.49 -32.94
CA ALA D 236 -32.50 21.18 -33.28
C ALA D 236 -32.07 20.74 -34.67
N ASP D 237 -31.74 21.70 -35.54
CA ASP D 237 -31.23 21.40 -36.87
C ASP D 237 -29.70 21.32 -36.89
N GLY D 238 -29.02 21.88 -35.91
CA GLY D 238 -27.57 21.88 -35.85
C GLY D 238 -26.93 23.23 -35.99
N LYS D 239 -27.71 24.29 -36.12
CA LYS D 239 -27.14 25.63 -36.21
C LYS D 239 -26.56 26.04 -34.85
N PRO D 240 -25.31 26.50 -34.81
CA PRO D 240 -24.70 26.86 -33.52
C PRO D 240 -25.40 28.06 -32.89
N VAL D 241 -25.74 27.94 -31.62
CA VAL D 241 -26.24 29.08 -30.85
C VAL D 241 -25.09 30.07 -30.67
N GLU D 242 -25.25 31.27 -31.21
CA GLU D 242 -24.20 32.28 -31.15
C GLU D 242 -24.46 33.34 -30.09
N SER D 243 -25.53 33.20 -29.30
CA SER D 243 -25.70 34.04 -28.13
C SER D 243 -24.81 33.53 -26.99
N ASP D 244 -24.76 34.30 -25.91
CA ASP D 244 -23.99 33.93 -24.74
C ASP D 244 -24.78 33.05 -23.77
N LEU D 245 -25.71 32.24 -24.27
CA LEU D 245 -26.58 31.46 -23.39
C LEU D 245 -25.79 30.45 -22.57
N LEU D 246 -24.80 29.79 -23.19
CA LEU D 246 -24.03 28.77 -22.48
C LEU D 246 -23.31 29.37 -21.27
N GLN D 247 -22.65 30.52 -21.48
CA GLN D 247 -21.97 31.18 -20.38
C GLN D 247 -22.95 31.61 -19.29
N ARG D 248 -24.13 32.09 -19.70
CA ARG D 248 -25.12 32.51 -18.72
C ARG D 248 -25.71 31.31 -17.97
N LEU D 249 -25.73 30.14 -18.61
CA LEU D 249 -26.15 28.93 -17.91
C LEU D 249 -25.07 28.46 -16.93
N PHE D 250 -23.80 28.63 -17.31
CA PHE D 250 -22.70 28.29 -16.40
C PHE D 250 -22.78 29.12 -15.13
N GLU D 251 -23.00 30.43 -15.27
CA GLU D 251 -23.11 31.30 -14.11
C GLU D 251 -24.34 30.97 -13.28
N ALA D 252 -25.48 30.75 -13.94
CA ALA D 252 -26.72 30.55 -13.21
C ALA D 252 -26.73 29.26 -12.41
N THR D 253 -26.03 28.23 -12.87
CA THR D 253 -25.95 26.97 -12.14
C THR D 253 -24.80 26.92 -11.14
N GLY D 254 -23.98 27.97 -11.08
CA GLY D 254 -22.95 28.07 -10.06
C GLY D 254 -21.58 27.59 -10.46
N GLN D 255 -21.31 27.40 -11.75
CA GLN D 255 -20.05 26.84 -12.21
C GLN D 255 -18.98 27.90 -12.46
N LEU D 256 -19.31 29.18 -12.31
CA LEU D 256 -18.35 30.26 -12.47
C LEU D 256 -18.01 30.94 -11.14
N ASP D 257 -18.48 30.38 -10.02
CA ASP D 257 -18.21 30.94 -8.70
C ASP D 257 -16.92 30.30 -8.18
N ASP D 258 -15.81 31.01 -8.34
CA ASP D 258 -14.51 30.52 -7.89
C ASP D 258 -14.35 30.57 -6.37
N THR D 259 -15.33 31.10 -5.63
CA THR D 259 -15.33 31.03 -4.18
C THR D 259 -16.03 29.78 -3.65
N PHE D 260 -16.78 29.09 -4.51
CA PHE D 260 -17.42 27.81 -4.16
C PHE D 260 -18.39 27.96 -2.99
N THR D 261 -19.07 29.11 -2.92
CA THR D 261 -20.10 29.36 -1.92
C THR D 261 -21.49 29.42 -2.52
N HIS D 262 -21.63 29.17 -3.83
CA HIS D 262 -22.93 29.18 -4.47
C HIS D 262 -23.87 28.17 -3.81
N GLU D 263 -25.17 28.46 -3.87
CA GLU D 263 -26.14 27.64 -3.14
C GLU D 263 -26.22 26.22 -3.68
N ASN D 264 -25.90 26.02 -4.97
CA ASN D 264 -25.96 24.70 -5.58
C ASN D 264 -24.79 23.80 -5.20
N ILE D 265 -23.72 24.36 -4.62
CA ILE D 265 -22.46 23.66 -4.46
C ILE D 265 -22.45 22.93 -3.12
N HIS D 266 -22.12 21.63 -3.16
CA HIS D 266 -21.90 20.83 -1.97
C HIS D 266 -20.46 20.36 -1.97
N LEU D 267 -19.78 20.50 -0.83
CA LEU D 267 -18.42 20.01 -0.65
C LEU D 267 -18.48 18.79 0.25
N PHE D 268 -18.14 17.62 -0.30
CA PHE D 268 -18.15 16.37 0.45
C PHE D 268 -16.74 16.06 0.94
N HIS D 269 -16.66 15.54 2.15
CA HIS D 269 -15.38 15.20 2.79
C HIS D 269 -15.37 13.71 3.12
N PRO D 270 -14.50 12.92 2.49
CA PRO D 270 -14.44 11.49 2.80
C PRO D 270 -13.58 11.20 4.03
N GLU D 271 -13.80 10.01 4.59
CA GLU D 271 -12.94 9.46 5.62
C GLU D 271 -12.46 8.08 5.18
N GLN D 272 -11.65 7.44 6.05
CA GLN D 272 -10.78 6.35 5.59
C GLN D 272 -11.56 5.18 5.01
N GLY D 273 -12.69 4.83 5.61
CA GLY D 273 -13.41 3.67 5.11
C GLY D 273 -14.43 3.95 4.02
N ASP D 274 -14.48 5.18 3.50
CA ASP D 274 -15.58 5.59 2.63
C ASP D 274 -15.43 5.04 1.22
N LEU D 275 -16.57 4.72 0.62
CA LEU D 275 -16.68 4.40 -0.80
C LEU D 275 -17.86 5.17 -1.35
N LEU D 276 -17.61 6.03 -2.32
CA LEU D 276 -18.63 6.93 -2.87
C LEU D 276 -19.20 6.33 -4.14
N ILE D 277 -20.53 6.27 -4.22
CA ILE D 277 -21.25 5.95 -5.45
C ILE D 277 -22.26 7.07 -5.68
N TRP D 278 -22.16 7.75 -6.82
CA TRP D 278 -23.03 8.90 -7.05
C TRP D 278 -23.64 8.85 -8.45
N ASP D 279 -24.70 9.65 -8.61
CA ASP D 279 -25.47 9.76 -9.83
C ASP D 279 -24.68 10.55 -10.88
N ASN D 280 -24.16 9.86 -11.88
CA ASN D 280 -23.39 10.53 -12.93
C ASN D 280 -24.27 11.17 -14.00
N ARG D 281 -25.59 11.02 -13.91
CA ARG D 281 -26.48 11.78 -14.77
C ARG D 281 -26.80 13.15 -14.19
N SER D 282 -27.14 13.19 -12.89
CA SER D 282 -27.59 14.43 -12.27
C SER D 282 -26.43 15.30 -11.82
N LEU D 283 -25.31 14.71 -11.41
CA LEU D 283 -24.26 15.45 -10.72
C LEU D 283 -23.10 15.80 -11.65
N ILE D 284 -22.65 17.04 -11.55
CA ILE D 284 -21.32 17.41 -12.00
C ILE D 284 -20.45 17.55 -10.76
N HIS D 285 -19.13 17.50 -10.96
CA HIS D 285 -18.23 17.52 -9.83
C HIS D 285 -16.88 18.10 -10.26
N ARG D 286 -16.06 18.42 -9.26
CA ARG D 286 -14.72 18.93 -9.50
C ARG D 286 -13.89 18.75 -8.23
N ALA D 287 -12.57 18.71 -8.43
CA ALA D 287 -11.63 18.52 -7.33
C ALA D 287 -11.45 19.83 -6.56
N LEU D 288 -10.71 19.74 -5.46
CA LEU D 288 -10.45 20.93 -4.65
C LEU D 288 -9.68 21.97 -5.44
N HIS D 289 -9.86 23.23 -5.07
CA HIS D 289 -9.10 24.31 -5.70
C HIS D 289 -7.66 24.35 -5.19
N THR D 290 -7.46 24.10 -3.90
CA THR D 290 -6.12 24.12 -3.34
C THR D 290 -5.34 22.89 -3.80
N THR D 291 -4.09 23.10 -4.20
CA THR D 291 -3.17 22.01 -4.47
C THR D 291 -2.47 21.60 -3.18
N THR D 292 -2.09 20.33 -3.10
CA THR D 292 -1.41 19.86 -1.91
C THR D 292 -0.18 19.06 -2.30
N PRO D 293 0.83 19.03 -1.43
CA PRO D 293 2.00 18.17 -1.69
C PRO D 293 1.82 16.77 -1.15
N GLU D 294 0.86 16.61 -0.23
CA GLU D 294 0.67 15.33 0.43
C GLU D 294 0.17 14.28 -0.56
N PRO D 295 0.54 13.01 -0.36
CA PRO D 295 0.11 11.95 -1.30
C PRO D 295 -1.40 11.72 -1.20
N VAL D 296 -2.05 11.73 -2.36
CA VAL D 296 -3.48 11.45 -2.47
C VAL D 296 -3.68 10.45 -3.60
N VAL D 297 -4.31 9.33 -3.30
CA VAL D 297 -4.57 8.28 -4.27
C VAL D 297 -6.02 7.83 -4.12
N SER D 298 -6.74 7.73 -5.24
CA SER D 298 -8.12 7.26 -5.26
C SER D 298 -8.32 6.33 -6.44
N PHE D 299 -9.15 5.30 -6.25
CA PHE D 299 -9.48 4.34 -7.28
C PHE D 299 -10.90 4.57 -7.76
N ARG D 300 -11.08 4.74 -9.06
CA ARG D 300 -12.38 5.01 -9.65
C ARG D 300 -12.83 3.83 -10.50
N VAL D 301 -14.09 3.44 -10.33
CA VAL D 301 -14.75 2.45 -11.18
C VAL D 301 -16.02 3.08 -11.71
N THR D 302 -16.28 2.91 -13.00
CA THR D 302 -17.40 3.55 -13.67
C THR D 302 -18.21 2.47 -14.37
N VAL D 303 -19.51 2.39 -14.08
CA VAL D 303 -20.35 1.29 -14.55
C VAL D 303 -21.60 1.82 -15.25
N HIS D 304 -22.06 1.08 -16.25
CA HIS D 304 -23.37 1.29 -16.84
C HIS D 304 -24.43 0.67 -15.95
N ASP D 305 -25.51 1.40 -15.68
CA ASP D 305 -26.59 0.87 -14.86
C ASP D 305 -27.75 0.38 -15.73
N HIS D 307 -30.16 1.26 -17.61
CA HIS D 307 -30.53 2.33 -18.54
C HIS D 307 -29.32 3.00 -19.18
N LYS D 308 -29.57 3.78 -20.22
CA LYS D 308 -28.57 4.65 -20.81
C LYS D 308 -28.76 6.06 -20.25
N LEU D 309 -28.15 7.06 -20.90
CA LEU D 309 -28.21 8.43 -20.38
C LEU D 309 -29.66 8.89 -20.24
N TYR D 310 -30.48 8.63 -21.27
CA TYR D 310 -31.91 8.88 -21.20
C TYR D 310 -32.61 7.86 -22.09
N ASP D 311 -33.89 7.64 -21.80
CA ASP D 311 -34.64 6.63 -22.53
C ASP D 311 -34.93 7.11 -23.95
N GLY D 312 -34.74 6.20 -24.91
CA GLY D 312 -34.94 6.53 -26.30
C GLY D 312 -33.76 7.21 -26.97
N MET D 313 -32.55 7.09 -26.41
CA MET D 313 -31.48 7.73 -27.14
C MET D 313 -30.93 6.78 -28.21
N PRO D 314 -30.43 7.31 -29.32
CA PRO D 314 -29.97 6.46 -30.42
C PRO D 314 -28.87 5.50 -29.99
N ALA D 315 -28.80 4.37 -30.68
CA ALA D 315 -27.80 3.34 -30.40
C ALA D 315 -26.40 3.81 -30.77
FE FE2 E . -2.91 23.15 22.63
C1 LMR F . 2.59 24.64 26.08
O1A LMR F . 3.15 25.21 25.11
O1B LMR F . 3.11 23.68 26.68
C2 LMR F . 1.25 25.13 26.55
O2 LMR F . 1.42 26.26 27.41
C3 LMR F . 0.39 25.56 25.35
C4 LMR F . -0.28 24.38 24.71
O4A LMR F . -0.04 23.23 25.15
O4B LMR F . -1.05 24.61 23.74
C1 MLT G . -3.16 23.80 17.77
O1 MLT G . -3.99 23.31 16.96
O2 MLT G . -2.58 23.11 18.63
C2 MLT G . -2.86 25.27 17.70
O3 MLT G . -3.93 25.94 17.02
C3 MLT G . -1.59 25.52 16.92
C4 MLT G . -1.13 26.95 17.17
O4 MLT G . -0.30 27.46 16.39
O5 MLT G . -1.61 27.56 18.15
FE FE2 H . 17.95 -11.59 -25.01
C1 LMR I . 19.29 -11.40 -20.06
O1A LMR I . 18.73 -10.83 -21.03
O1B LMR I . 18.65 -12.02 -19.19
C2 LMR I . 20.79 -11.36 -19.94
O2 LMR I . 21.31 -12.64 -20.27
C3 LMR I . 21.38 -10.30 -20.86
C4 LMR I . 22.89 -10.31 -20.81
O4A LMR I . 23.48 -9.57 -19.99
O4B LMR I . 23.49 -11.05 -21.62
C1 LMR J . 20.42 -8.07 -29.73
O1A LMR J . 21.05 -8.54 -30.71
O1B LMR J . 20.26 -6.85 -29.54
C2 LMR J . 19.86 -9.02 -28.72
O2 LMR J . 19.82 -10.35 -29.27
C3 LMR J . 20.78 -9.01 -27.50
C4 LMR J . 20.14 -9.80 -26.40
O4A LMR J . 20.06 -9.29 -25.25
O4B LMR J . 19.72 -10.94 -26.68
FE FE2 K . 11.29 -14.52 12.72
C1 LMR L . 11.99 -12.63 16.25
O1A LMR L . 11.04 -13.30 15.77
O1B LMR L . 12.15 -12.47 17.47
C2 LMR L . 12.99 -12.03 15.29
O2 LMR L . 12.38 -11.87 14.00
C3 LMR L . 13.46 -10.68 15.82
C4 LMR L . 14.38 -10.02 14.83
O4A LMR L . 14.39 -8.77 14.76
O4B LMR L . 15.11 -10.73 14.11
FE FE2 M . -13.99 12.64 -12.77
C1 LMR N . -11.01 13.08 -14.45
O1A LMR N . -12.04 13.74 -14.22
O1B LMR N . -10.26 12.66 -13.53
C2 LMR N . -10.66 12.76 -15.87
O2 LMR N . -11.87 12.52 -16.58
C3 LMR N . -9.90 13.90 -16.54
C4 LMR N . -8.77 14.46 -15.69
O4A LMR N . -9.04 15.36 -14.86
O4B LMR N . -7.61 14.04 -15.86
#